data_7TMI
# 
_entry.id   7TMI 
# 
_audit_conform.dict_name       mmcif_pdbx.dic 
_audit_conform.dict_version    5.396 
_audit_conform.dict_location   http://mmcif.pdb.org/dictionaries/ascii/mmcif_pdbx.dic 
# 
loop_
_database_2.database_id 
_database_2.database_code 
_database_2.pdbx_database_accession 
_database_2.pdbx_DOI 
PDB   7TMI         pdb_00007tmi 10.2210/pdb7tmi/pdb 
WWPDB D_1000262548 ?            ?                   
# 
loop_
_pdbx_audit_revision_history.ordinal 
_pdbx_audit_revision_history.data_content_type 
_pdbx_audit_revision_history.major_revision 
_pdbx_audit_revision_history.minor_revision 
_pdbx_audit_revision_history.revision_date 
1 'Structure model' 1 0 2022-04-20 
2 'Structure model' 1 1 2022-04-27 
3 'Structure model' 1 2 2023-10-18 
4 'Structure model' 1 3 2023-11-15 
5 'Structure model' 2 0 2024-09-25 
# 
_pdbx_audit_revision_details.ordinal             1 
_pdbx_audit_revision_details.revision_ordinal    1 
_pdbx_audit_revision_details.data_content_type   'Structure model' 
_pdbx_audit_revision_details.provider            repository 
_pdbx_audit_revision_details.type                'Initial release' 
_pdbx_audit_revision_details.description         ? 
_pdbx_audit_revision_details.details             ? 
# 
loop_
_pdbx_audit_revision_group.ordinal 
_pdbx_audit_revision_group.revision_ordinal 
_pdbx_audit_revision_group.data_content_type 
_pdbx_audit_revision_group.group 
1  2 'Structure model' 'Database references'    
2  3 'Structure model' 'Data collection'        
3  3 'Structure model' 'Refinement description' 
4  4 'Structure model' 'Data collection'        
5  5 'Structure model' 'Atomic model'           
6  5 'Structure model' 'Data collection'        
7  5 'Structure model' 'Database references'    
8  5 'Structure model' 'Derived calculations'   
9  5 'Structure model' 'Polymer sequence'       
10 5 'Structure model' 'Source and taxonomy'    
11 5 'Structure model' 'Structure summary'      
# 
loop_
_pdbx_audit_revision_category.ordinal 
_pdbx_audit_revision_category.revision_ordinal 
_pdbx_audit_revision_category.data_content_type 
_pdbx_audit_revision_category.category 
1  2 'Structure model' citation                      
2  3 'Structure model' chem_comp_atom                
3  3 'Structure model' chem_comp_bond                
4  3 'Structure model' pdbx_initial_refinement_model 
5  4 'Structure model' chem_comp_atom                
6  4 'Structure model' chem_comp_bond                
7  5 'Structure model' atom_site                     
8  5 'Structure model' atom_site_anisotrop           
9  5 'Structure model' entity                        
10 5 'Structure model' entity_poly                   
11 5 'Structure model' entity_poly_seq               
12 5 'Structure model' pdbx_entity_nonpoly           
13 5 'Structure model' pdbx_entity_src_syn           
14 5 'Structure model' pdbx_nonpoly_scheme           
15 5 'Structure model' pdbx_poly_seq_scheme          
16 5 'Structure model' pdbx_struct_assembly_gen      
17 5 'Structure model' struct_asym                   
18 5 'Structure model' struct_conf                   
19 5 'Structure model' struct_conn                   
20 5 'Structure model' struct_ref_seq                
# 
loop_
_pdbx_audit_revision_item.ordinal 
_pdbx_audit_revision_item.revision_ordinal 
_pdbx_audit_revision_item.data_content_type 
_pdbx_audit_revision_item.item 
1  2 'Structure model' '_citation.journal_volume'                  
2  2 'Structure model' '_citation.page_first'                      
3  2 'Structure model' '_citation.page_last'                       
4  4 'Structure model' '_chem_comp_atom.atom_id'                   
5  4 'Structure model' '_chem_comp_bond.atom_id_2'                 
6  5 'Structure model' '_atom_site.B_iso_or_equiv'                 
7  5 'Structure model' '_atom_site.Cartn_x'                        
8  5 'Structure model' '_atom_site.Cartn_y'                        
9  5 'Structure model' '_atom_site.Cartn_z'                        
10 5 'Structure model' '_atom_site.auth_atom_id'                   
11 5 'Structure model' '_atom_site.auth_comp_id'                   
12 5 'Structure model' '_atom_site.auth_seq_id'                    
13 5 'Structure model' '_atom_site.group_PDB'                      
14 5 'Structure model' '_atom_site.label_alt_id'                   
15 5 'Structure model' '_atom_site.label_asym_id'                  
16 5 'Structure model' '_atom_site.label_atom_id'                  
17 5 'Structure model' '_atom_site.label_comp_id'                  
18 5 'Structure model' '_atom_site.label_entity_id'                
19 5 'Structure model' '_atom_site.label_seq_id'                   
20 5 'Structure model' '_atom_site.occupancy'                      
21 5 'Structure model' '_atom_site.type_symbol'                    
22 5 'Structure model' '_atom_site_anisotrop.U[1][1]'              
23 5 'Structure model' '_atom_site_anisotrop.U[1][2]'              
24 5 'Structure model' '_atom_site_anisotrop.U[1][3]'              
25 5 'Structure model' '_atom_site_anisotrop.U[2][2]'              
26 5 'Structure model' '_atom_site_anisotrop.U[2][3]'              
27 5 'Structure model' '_atom_site_anisotrop.U[3][3]'              
28 5 'Structure model' '_atom_site_anisotrop.id'                   
29 5 'Structure model' '_atom_site_anisotrop.pdbx_auth_atom_id'    
30 5 'Structure model' '_atom_site_anisotrop.pdbx_auth_comp_id'    
31 5 'Structure model' '_atom_site_anisotrop.pdbx_auth_seq_id'     
32 5 'Structure model' '_atom_site_anisotrop.pdbx_label_alt_id'    
33 5 'Structure model' '_atom_site_anisotrop.pdbx_label_asym_id'   
34 5 'Structure model' '_atom_site_anisotrop.pdbx_label_atom_id'   
35 5 'Structure model' '_atom_site_anisotrop.pdbx_label_comp_id'   
36 5 'Structure model' '_atom_site_anisotrop.pdbx_label_seq_id'    
37 5 'Structure model' '_atom_site_anisotrop.type_symbol'          
38 5 'Structure model' '_entity_poly.pdbx_seq_one_letter_code'     
39 5 'Structure model' '_entity_poly.pdbx_seq_one_letter_code_can' 
40 5 'Structure model' '_pdbx_entity_src_syn.pdbx_end_seq_num'     
41 5 'Structure model' '_pdbx_struct_assembly_gen.asym_id_list'    
42 5 'Structure model' '_struct_conf.beg_label_seq_id'             
43 5 'Structure model' '_struct_conf.end_label_seq_id'             
44 5 'Structure model' '_struct_conn.pdbx_dist_value'              
45 5 'Structure model' '_struct_conn.pdbx_leaving_atom_flag'       
46 5 'Structure model' '_struct_conn.pdbx_ptnr1_label_alt_id'      
47 5 'Structure model' '_struct_conn.pdbx_ptnr2_label_alt_id'      
48 5 'Structure model' '_struct_conn.ptnr1_auth_comp_id'           
49 5 'Structure model' '_struct_conn.ptnr1_auth_seq_id'            
50 5 'Structure model' '_struct_conn.ptnr1_label_atom_id'          
51 5 'Structure model' '_struct_conn.ptnr1_label_comp_id'          
52 5 'Structure model' '_struct_conn.ptnr1_label_seq_id'           
53 5 'Structure model' '_struct_conn.ptnr2_auth_comp_id'           
54 5 'Structure model' '_struct_conn.ptnr2_auth_seq_id'            
55 5 'Structure model' '_struct_conn.ptnr2_label_asym_id'          
56 5 'Structure model' '_struct_conn.ptnr2_label_atom_id'          
57 5 'Structure model' '_struct_conn.ptnr2_label_comp_id'          
58 5 'Structure model' '_struct_conn.ptnr2_label_seq_id'           
59 5 'Structure model' '_struct_ref_seq.seq_align_beg'             
60 5 'Structure model' '_struct_ref_seq.seq_align_end'             
# 
_pdbx_database_status.status_code                     REL 
_pdbx_database_status.status_code_sf                  REL 
_pdbx_database_status.status_code_mr                  ? 
_pdbx_database_status.entry_id                        7TMI 
_pdbx_database_status.recvd_initial_deposition_date   2022-01-19 
_pdbx_database_status.SG_entry                        N 
_pdbx_database_status.deposit_site                    RCSB 
_pdbx_database_status.process_site                    RCSB 
_pdbx_database_status.status_code_cs                  ? 
_pdbx_database_status.status_code_nmr_data            ? 
_pdbx_database_status.methods_development_category    ? 
_pdbx_database_status.pdb_format_compatible           Y 
# 
_pdbx_contact_author.id                 2 
_pdbx_contact_author.email              andyn@uic.edu 
_pdbx_contact_author.name_first         Andy 
_pdbx_contact_author.name_last          Nguyen 
_pdbx_contact_author.name_mi            I. 
_pdbx_contact_author.role               'principal investigator/group leader' 
_pdbx_contact_author.identifier_ORCID   0000-0003-4137-6453 
# 
_audit_author.name               'Nguyen, A.I.' 
_audit_author.pdbx_ordinal       1 
_audit_author.identifier_ORCID   0000-0003-4137-6453 
# 
_citation.abstract                  ? 
_citation.abstract_id_CAS           ? 
_citation.book_id_ISBN              ? 
_citation.book_publisher            ? 
_citation.book_publisher_city       ? 
_citation.book_title                ? 
_citation.coordinate_linkage        ? 
_citation.country                   US 
_citation.database_id_Medline       ? 
_citation.details                   ? 
_citation.id                        primary 
_citation.journal_abbrev            J.Am.Chem.Soc. 
_citation.journal_id_ASTM           JACSAT 
_citation.journal_id_CSD            ? 
_citation.journal_id_ISSN           1520-5126 
_citation.journal_full              ? 
_citation.journal_issue             ? 
_citation.journal_volume            144 
_citation.language                  ? 
_citation.page_first                7001 
_citation.page_last                 7009 
_citation.title                     
'Assembly of pi-Stacking Helical Peptides into a Porous and Multivariable Proteomimetic Framework.' 
_citation.year                      2022 
_citation.database_id_CSD           ? 
_citation.pdbx_database_id_DOI      10.1021/jacs.2c02146 
_citation.pdbx_database_id_PubMed   35390261 
_citation.pdbx_database_id_patent   ? 
_citation.unpublished_flag          ? 
# 
loop_
_citation_author.citation_id 
_citation_author.name 
_citation_author.ordinal 
_citation_author.identifier_ORCID 
primary 'Heinz-Kunert, S.L.' 1 ?                   
primary 'Pandya, A.'         2 0000-0003-3303-1009 
primary 'Dang, V.T.'         3 ?                   
primary 'Tran, P.N.'         4 ?                   
primary 'Ghosh, S.'          5 ?                   
primary 'McElheny, D.'       6 ?                   
primary 'Santarsiero, B.D.'  7 0000-0002-9032-9699 
primary 'Ren, Z.'            8 0000-0001-7098-3127 
primary 'Nguyen, A.I.'       9 0000-0003-4137-6453 
# 
loop_
_entity.id 
_entity.type 
_entity.src_method 
_entity.pdbx_description 
_entity.formula_weight 
_entity.pdbx_number_of_molecules 
_entity.pdbx_ec 
_entity.pdbx_mutation 
_entity.pdbx_fragment 
_entity.details 
1 polymer     syn 'bipyridyl-conjugated helical peptide' 1427.631 1 ? ? ? ? 
2 non-polymer syn ACETONITRILE                           41.052   4 ? ? ? ? 
3 water       nat water                                  18.015   4 ? ? ? ? 
# 
_entity_poly.entity_id                      1 
_entity_poly.type                           'polypeptide(L)' 
_entity_poly.nstd_linkage                   no 
_entity_poly.nstd_monomer                   yes 
_entity_poly.pdbx_seq_one_letter_code       '(I6W)L(AIB)AHL(AIB)Q(AIB)L(I77)' 
_entity_poly.pdbx_seq_one_letter_code_can   XLAAHLAQALX 
_entity_poly.pdbx_strand_id                 A 
_entity_poly.pdbx_target_identifier         ? 
# 
loop_
_pdbx_entity_nonpoly.entity_id 
_pdbx_entity_nonpoly.name 
_pdbx_entity_nonpoly.comp_id 
2 ACETONITRILE CCN 
3 water        HOH 
# 
loop_
_entity_poly_seq.entity_id 
_entity_poly_seq.num 
_entity_poly_seq.mon_id 
_entity_poly_seq.hetero 
1 1  I6W n 
1 2  LEU n 
1 3  AIB n 
1 4  ALA n 
1 5  HIS n 
1 6  LEU n 
1 7  AIB n 
1 8  GLN n 
1 9  AIB n 
1 10 LEU n 
1 11 I77 n 
# 
_pdbx_entity_src_syn.entity_id              1 
_pdbx_entity_src_syn.pdbx_src_id            1 
_pdbx_entity_src_syn.pdbx_alt_source_flag   sample 
_pdbx_entity_src_syn.pdbx_beg_seq_num       1 
_pdbx_entity_src_syn.pdbx_end_seq_num       11 
_pdbx_entity_src_syn.organism_scientific    'synthetic construct' 
_pdbx_entity_src_syn.organism_common_name   ? 
_pdbx_entity_src_syn.ncbi_taxonomy_id       32630 
_pdbx_entity_src_syn.details                ? 
# 
loop_
_chem_comp.id 
_chem_comp.type 
_chem_comp.mon_nstd_flag 
_chem_comp.name 
_chem_comp.pdbx_synonyms 
_chem_comp.formula 
_chem_comp.formula_weight 
AIB 'L-peptide linking' n 'ALPHA-AMINOISOBUTYRIC ACID'                            ? 'C4 H9 N O2'     103.120 
ALA 'L-peptide linking' y ALANINE                                                 ? 'C3 H7 N O2'     89.093  
CCN non-polymer         . ACETONITRILE                                            ? 'C2 H3 N'        41.052  
GLN 'L-peptide linking' y GLUTAMINE                                               ? 'C5 H10 N2 O3'   146.144 
HIS 'L-peptide linking' y HISTIDINE                                               ? 'C6 H10 N3 O2 1' 156.162 
HOH non-polymer         . WATER                                                   ? 'H2 O'           18.015  
I6W non-polymer         . 
;ethyl 5'-formyl[2,2'-bipyridine]-5-carboxylate
;
? 'C14 H12 N2 O3'  256.257 
I77 non-polymer         . "5'-(hydrazinecarbonyl)[2,2'-bipyridine]-5-carboxamide" ? 'C12 H11 N5 O2'  257.248 
LEU 'L-peptide linking' y LEUCINE                                                 ? 'C6 H13 N O2'    131.173 
# 
loop_
_pdbx_poly_seq_scheme.asym_id 
_pdbx_poly_seq_scheme.entity_id 
_pdbx_poly_seq_scheme.seq_id 
_pdbx_poly_seq_scheme.mon_id 
_pdbx_poly_seq_scheme.ndb_seq_num 
_pdbx_poly_seq_scheme.pdb_seq_num 
_pdbx_poly_seq_scheme.auth_seq_num 
_pdbx_poly_seq_scheme.pdb_mon_id 
_pdbx_poly_seq_scheme.auth_mon_id 
_pdbx_poly_seq_scheme.pdb_strand_id 
_pdbx_poly_seq_scheme.pdb_ins_code 
_pdbx_poly_seq_scheme.hetero 
A 1 1  I6W 1  1  1  I6W BPE A . n 
A 1 2  LEU 2  2  2  LEU LEU A . n 
A 1 3  AIB 3  3  3  AIB AIB A . n 
A 1 4  ALA 4  4  4  ALA ALA A . n 
A 1 5  HIS 5  5  5  HIS HIS A . n 
A 1 6  LEU 6  6  6  LEU LEU A . n 
A 1 7  AIB 7  7  7  AIB AIB A . n 
A 1 8  GLN 8  8  8  GLN GLN A . n 
A 1 9  AIB 9  9  9  AIB AIB A . n 
A 1 10 LEU 10 10 10 LEU LEU A . n 
A 1 11 I77 11 11 11 I77 BPH A . n 
# 
loop_
_pdbx_nonpoly_scheme.asym_id 
_pdbx_nonpoly_scheme.entity_id 
_pdbx_nonpoly_scheme.mon_id 
_pdbx_nonpoly_scheme.ndb_seq_num 
_pdbx_nonpoly_scheme.pdb_seq_num 
_pdbx_nonpoly_scheme.auth_seq_num 
_pdbx_nonpoly_scheme.pdb_mon_id 
_pdbx_nonpoly_scheme.auth_mon_id 
_pdbx_nonpoly_scheme.pdb_strand_id 
_pdbx_nonpoly_scheme.pdb_ins_code 
B 2 CCN 1 201 1 CCN ACN A . 
C 2 CCN 1 202 2 CCN ACN A . 
D 2 CCN 1 203 3 CCN ACN A . 
E 2 CCN 1 204 4 CCN ACN A . 
F 3 HOH 1 301 2 HOH HOH A . 
F 3 HOH 2 302 3 HOH HOH A . 
F 3 HOH 3 303 1 HOH HOH A . 
F 3 HOH 4 304 4 HOH HOH A . 
# 
loop_
_software.citation_id 
_software.classification 
_software.compiler_name 
_software.compiler_version 
_software.contact_author 
_software.contact_author_email 
_software.date 
_software.description 
_software.dependencies 
_software.hardware 
_software.language 
_software.location 
_software.mods 
_software.name 
_software.os 
_software.os_version 
_software.type 
_software.version 
_software.pdbx_ordinal 
? refinement       ? ? ? ? ? ? ? ? ? ? ? PHENIX ? ? ? 1.19.2_4158 1 
? 'data reduction' ? ? ? ? ? ? ? ? ? ? ? XDS    ? ? ? .           2 
? 'data scaling'   ? ? ? ? ? ? ? ? ? ? ? XDS    ? ? ? .           3 
? phasing          ? ? ? ? ? ? ? ? ? ? ? PHASER ? ? ? .           4 
# 
_cell.angle_alpha                  90.000 
_cell.angle_alpha_esd              ? 
_cell.angle_beta                   98.606 
_cell.angle_beta_esd               ? 
_cell.angle_gamma                  90.000 
_cell.angle_gamma_esd              ? 
_cell.entry_id                     7TMI 
_cell.details                      ? 
_cell.formula_units_Z              ? 
_cell.length_a                     13.524 
_cell.length_a_esd                 ? 
_cell.length_b                     13.423 
_cell.length_b_esd                 ? 
_cell.length_c                     27.877 
_cell.length_c_esd                 ? 
_cell.volume                       5003.607 
_cell.volume_esd                   ? 
_cell.Z_PDB                        2 
_cell.reciprocal_angle_alpha       ? 
_cell.reciprocal_angle_beta        ? 
_cell.reciprocal_angle_gamma       ? 
_cell.reciprocal_angle_alpha_esd   ? 
_cell.reciprocal_angle_beta_esd    ? 
_cell.reciprocal_angle_gamma_esd   ? 
_cell.reciprocal_length_a          ? 
_cell.reciprocal_length_b          ? 
_cell.reciprocal_length_c          ? 
_cell.reciprocal_length_a_esd      ? 
_cell.reciprocal_length_b_esd      ? 
_cell.reciprocal_length_c_esd      ? 
_cell.pdbx_unique_axis             ? 
# 
_symmetry.entry_id                         7TMI 
_symmetry.cell_setting                     ? 
_symmetry.Int_Tables_number                4 
_symmetry.space_group_name_Hall            'P 2yb' 
_symmetry.space_group_name_H-M             'P 1 21 1' 
_symmetry.pdbx_full_space_group_name_H-M   ? 
# 
_exptl.absorpt_coefficient_mu     ? 
_exptl.absorpt_correction_T_max   ? 
_exptl.absorpt_correction_T_min   ? 
_exptl.absorpt_correction_type    ? 
_exptl.absorpt_process_details    ? 
_exptl.entry_id                   7TMI 
_exptl.crystals_number            1 
_exptl.details                    ? 
_exptl.method                     'X-RAY DIFFRACTION' 
_exptl.method_details             ? 
# 
_exptl_crystal.colour                      ? 
_exptl_crystal.density_diffrn              ? 
_exptl_crystal.density_Matthews            2.63 
_exptl_crystal.density_method              ? 
_exptl_crystal.density_percent_sol         53.29 
_exptl_crystal.description                 ? 
_exptl_crystal.F_000                       ? 
_exptl_crystal.id                          1 
_exptl_crystal.preparation                 ? 
_exptl_crystal.size_max                    ? 
_exptl_crystal.size_mid                    ? 
_exptl_crystal.size_min                    ? 
_exptl_crystal.size_rad                    ? 
_exptl_crystal.colour_lustre               ? 
_exptl_crystal.colour_modifier             ? 
_exptl_crystal.colour_primary              ? 
_exptl_crystal.density_meas                ? 
_exptl_crystal.density_meas_esd            ? 
_exptl_crystal.density_meas_gt             ? 
_exptl_crystal.density_meas_lt             ? 
_exptl_crystal.density_meas_temp           ? 
_exptl_crystal.density_meas_temp_esd       ? 
_exptl_crystal.density_meas_temp_gt        ? 
_exptl_crystal.density_meas_temp_lt        ? 
_exptl_crystal.pdbx_crystal_image_url      ? 
_exptl_crystal.pdbx_crystal_image_format   ? 
_exptl_crystal.pdbx_mosaicity              ? 
_exptl_crystal.pdbx_mosaicity_esd          ? 
# 
_exptl_crystal_grow.apparatus       ? 
_exptl_crystal_grow.atmosphere      ? 
_exptl_crystal_grow.crystal_id      1 
_exptl_crystal_grow.details         ? 
_exptl_crystal_grow.method          'SLOW COOLING' 
_exptl_crystal_grow.method_ref      ? 
_exptl_crystal_grow.pH              ? 
_exptl_crystal_grow.pressure        ? 
_exptl_crystal_grow.pressure_esd    ? 
_exptl_crystal_grow.seeding         ? 
_exptl_crystal_grow.seeding_ref     ? 
_exptl_crystal_grow.temp            298 
_exptl_crystal_grow.temp_details    ? 
_exptl_crystal_grow.temp_esd        ? 
_exptl_crystal_grow.time            ? 
_exptl_crystal_grow.pdbx_details    'water and acetonitrile' 
_exptl_crystal_grow.pdbx_pH_range   ? 
# 
_diffrn.ambient_environment              ? 
_diffrn.ambient_temp                     100 
_diffrn.ambient_temp_details             ? 
_diffrn.ambient_temp_esd                 ? 
_diffrn.crystal_id                       1 
_diffrn.crystal_support                  ? 
_diffrn.crystal_treatment                ? 
_diffrn.details                          ? 
_diffrn.id                               1 
_diffrn.ambient_pressure                 ? 
_diffrn.ambient_pressure_esd             ? 
_diffrn.ambient_pressure_gt              ? 
_diffrn.ambient_pressure_lt              ? 
_diffrn.ambient_temp_gt                  ? 
_diffrn.ambient_temp_lt                  ? 
_diffrn.pdbx_serial_crystal_experiment   N 
# 
_diffrn_detector.details                      ? 
_diffrn_detector.detector                     PIXEL 
_diffrn_detector.diffrn_id                    1 
_diffrn_detector.type                         'DECTRIS EIGER X 9M' 
_diffrn_detector.area_resol_mean              ? 
_diffrn_detector.dtime                        ? 
_diffrn_detector.pdbx_frames_total            ? 
_diffrn_detector.pdbx_collection_time_total   ? 
_diffrn_detector.pdbx_collection_date         2021-12-10 
_diffrn_detector.pdbx_frequency               ? 
# 
_diffrn_radiation.collimation                      ? 
_diffrn_radiation.diffrn_id                        1 
_diffrn_radiation.filter_edge                      ? 
_diffrn_radiation.inhomogeneity                    ? 
_diffrn_radiation.monochromator                    ? 
_diffrn_radiation.polarisn_norm                    ? 
_diffrn_radiation.polarisn_ratio                   ? 
_diffrn_radiation.probe                            ? 
_diffrn_radiation.type                             ? 
_diffrn_radiation.xray_symbol                      ? 
_diffrn_radiation.wavelength_id                    1 
_diffrn_radiation.pdbx_monochromatic_or_laue_m_l   M 
_diffrn_radiation.pdbx_wavelength_list             ? 
_diffrn_radiation.pdbx_wavelength                  ? 
_diffrn_radiation.pdbx_diffrn_protocol             'SINGLE WAVELENGTH' 
_diffrn_radiation.pdbx_analyzer                    ? 
_diffrn_radiation.pdbx_scattering_type             x-ray 
# 
_diffrn_radiation_wavelength.id           1 
_diffrn_radiation_wavelength.wavelength   0.688 
_diffrn_radiation_wavelength.wt           1.0 
# 
_diffrn_source.current                     ? 
_diffrn_source.details                     ? 
_diffrn_source.diffrn_id                   1 
_diffrn_source.power                       ? 
_diffrn_source.size                        ? 
_diffrn_source.source                      SYNCHROTRON 
_diffrn_source.target                      ? 
_diffrn_source.type                        'APS BEAMLINE 21-ID-D' 
_diffrn_source.voltage                     ? 
_diffrn_source.take-off_angle              ? 
_diffrn_source.pdbx_wavelength_list        0.688 
_diffrn_source.pdbx_wavelength             ? 
_diffrn_source.pdbx_synchrotron_beamline   21-ID-D 
_diffrn_source.pdbx_synchrotron_site       APS 
# 
_reflns.B_iso_Wilson_estimate                          3.41 
_reflns.entry_id                                       7TMI 
_reflns.data_reduction_details                         ? 
_reflns.data_reduction_method                          ? 
_reflns.d_resolution_high                              .8 
_reflns.d_resolution_low                               13.37 
_reflns.details                                        ? 
_reflns.limit_h_max                                    ? 
_reflns.limit_h_min                                    ? 
_reflns.limit_k_max                                    ? 
_reflns.limit_k_min                                    ? 
_reflns.limit_l_max                                    ? 
_reflns.limit_l_min                                    ? 
_reflns.number_all                                     ? 
_reflns.number_obs                                     19566 
_reflns.observed_criterion                             ? 
_reflns.observed_criterion_F_max                       ? 
_reflns.observed_criterion_F_min                       ? 
_reflns.observed_criterion_I_max                       ? 
_reflns.observed_criterion_I_min                       ? 
_reflns.observed_criterion_sigma_F                     ? 
_reflns.observed_criterion_sigma_I                     ? 
_reflns.percent_possible_obs                           96.49 
_reflns.R_free_details                                 ? 
_reflns.Rmerge_F_all                                   ? 
_reflns.Rmerge_F_obs                                   ? 
_reflns.Friedel_coverage                               ? 
_reflns.number_gt                                      ? 
_reflns.threshold_expression                           ? 
_reflns.pdbx_redundancy                                6.6 
_reflns.pdbx_Rmerge_I_obs                              .0396 
_reflns.pdbx_Rmerge_I_all                              ? 
_reflns.pdbx_Rsym_value                                ? 
_reflns.pdbx_netI_over_av_sigmaI                       ? 
_reflns.pdbx_netI_over_sigmaI                          40.91 
_reflns.pdbx_res_netI_over_av_sigmaI_2                 ? 
_reflns.pdbx_res_netI_over_sigmaI_2                    ? 
_reflns.pdbx_chi_squared                               ? 
_reflns.pdbx_scaling_rejects                           ? 
_reflns.pdbx_d_res_high_opt                            ? 
_reflns.pdbx_d_res_low_opt                             ? 
_reflns.pdbx_d_res_opt_method                          ? 
_reflns.phase_calculation_details                      ? 
_reflns.pdbx_Rrim_I_all                                ? 
_reflns.pdbx_Rpim_I_all                                ? 
_reflns.pdbx_d_opt                                     ? 
_reflns.pdbx_number_measured_all                       ? 
_reflns.pdbx_diffrn_id                                 1 
_reflns.pdbx_ordinal                                   1 
_reflns.pdbx_CC_half                                   .996 
_reflns.pdbx_CC_star                                   ? 
_reflns.pdbx_R_split                                   ? 
_reflns.pdbx_aniso_diffraction_limit_axis_1_ortho[1]   ? 
_reflns.pdbx_aniso_diffraction_limit_axis_1_ortho[2]   ? 
_reflns.pdbx_aniso_diffraction_limit_axis_1_ortho[3]   ? 
_reflns.pdbx_aniso_diffraction_limit_axis_2_ortho[1]   ? 
_reflns.pdbx_aniso_diffraction_limit_axis_2_ortho[2]   ? 
_reflns.pdbx_aniso_diffraction_limit_axis_2_ortho[3]   ? 
_reflns.pdbx_aniso_diffraction_limit_axis_3_ortho[1]   ? 
_reflns.pdbx_aniso_diffraction_limit_axis_3_ortho[2]   ? 
_reflns.pdbx_aniso_diffraction_limit_axis_3_ortho[3]   ? 
_reflns.pdbx_aniso_diffraction_limit_1                 ? 
_reflns.pdbx_aniso_diffraction_limit_2                 ? 
_reflns.pdbx_aniso_diffraction_limit_3                 ? 
_reflns.pdbx_aniso_B_tensor_eigenvector_1_ortho[1]     ? 
_reflns.pdbx_aniso_B_tensor_eigenvector_1_ortho[2]     ? 
_reflns.pdbx_aniso_B_tensor_eigenvector_1_ortho[3]     ? 
_reflns.pdbx_aniso_B_tensor_eigenvector_2_ortho[1]     ? 
_reflns.pdbx_aniso_B_tensor_eigenvector_2_ortho[2]     ? 
_reflns.pdbx_aniso_B_tensor_eigenvector_2_ortho[3]     ? 
_reflns.pdbx_aniso_B_tensor_eigenvector_3_ortho[1]     ? 
_reflns.pdbx_aniso_B_tensor_eigenvector_3_ortho[2]     ? 
_reflns.pdbx_aniso_B_tensor_eigenvector_3_ortho[3]     ? 
_reflns.pdbx_aniso_B_tensor_eigenvalue_1               ? 
_reflns.pdbx_aniso_B_tensor_eigenvalue_2               ? 
_reflns.pdbx_aniso_B_tensor_eigenvalue_3               ? 
_reflns.pdbx_orthogonalization_convention              ? 
_reflns.pdbx_percent_possible_ellipsoidal              ? 
_reflns.pdbx_percent_possible_spherical                ? 
_reflns.pdbx_percent_possible_ellipsoidal_anomalous    ? 
_reflns.pdbx_percent_possible_spherical_anomalous      ? 
_reflns.pdbx_redundancy_anomalous                      ? 
_reflns.pdbx_CC_half_anomalous                         ? 
_reflns.pdbx_absDiff_over_sigma_anomalous              ? 
_reflns.pdbx_percent_possible_anomalous                ? 
_reflns.pdbx_observed_signal_threshold                 ? 
_reflns.pdbx_signal_type                               ? 
_reflns.pdbx_signal_details                            ? 
_reflns.pdbx_signal_software_id                        ? 
# 
_reflns_shell.d_res_high                                    .8 
_reflns_shell.d_res_low                                     .8286 
_reflns_shell.meanI_over_sigI_all                           ? 
_reflns_shell.meanI_over_sigI_obs                           ? 
_reflns_shell.number_measured_all                           ? 
_reflns_shell.number_measured_obs                           ? 
_reflns_shell.number_possible                               ? 
_reflns_shell.number_unique_all                             ? 
_reflns_shell.number_unique_obs                             980 
_reflns_shell.percent_possible_all                          ? 
_reflns_shell.percent_possible_obs                          ? 
_reflns_shell.Rmerge_F_all                                  ? 
_reflns_shell.Rmerge_F_obs                                  ? 
_reflns_shell.Rmerge_I_all                                  ? 
_reflns_shell.Rmerge_I_obs                                  .0529 
_reflns_shell.meanI_over_sigI_gt                            ? 
_reflns_shell.meanI_over_uI_all                             ? 
_reflns_shell.meanI_over_uI_gt                              ? 
_reflns_shell.number_measured_gt                            ? 
_reflns_shell.number_unique_gt                              ? 
_reflns_shell.percent_possible_gt                           ? 
_reflns_shell.Rmerge_F_gt                                   ? 
_reflns_shell.Rmerge_I_gt                                   ? 
_reflns_shell.pdbx_redundancy                               ? 
_reflns_shell.pdbx_Rsym_value                               ? 
_reflns_shell.pdbx_chi_squared                              ? 
_reflns_shell.pdbx_netI_over_sigmaI_all                     ? 
_reflns_shell.pdbx_netI_over_sigmaI_obs                     ? 
_reflns_shell.pdbx_Rrim_I_all                               ? 
_reflns_shell.pdbx_Rpim_I_all                               ? 
_reflns_shell.pdbx_rejects                                  ? 
_reflns_shell.pdbx_ordinal                                  1 
_reflns_shell.pdbx_diffrn_id                                1 
_reflns_shell.pdbx_CC_half                                  .997 
_reflns_shell.pdbx_CC_star                                  ? 
_reflns_shell.pdbx_R_split                                  ? 
_reflns_shell.pdbx_percent_possible_ellipsoidal             ? 
_reflns_shell.pdbx_percent_possible_spherical               ? 
_reflns_shell.pdbx_percent_possible_ellipsoidal_anomalous   ? 
_reflns_shell.pdbx_percent_possible_spherical_anomalous     ? 
_reflns_shell.pdbx_redundancy_anomalous                     ? 
_reflns_shell.pdbx_CC_half_anomalous                        ? 
_reflns_shell.pdbx_absDiff_over_sigma_anomalous             ? 
_reflns_shell.pdbx_percent_possible_anomalous               ? 
# 
_refine.aniso_B[1][1]                            ? 
_refine.aniso_B[1][2]                            ? 
_refine.aniso_B[1][3]                            ? 
_refine.aniso_B[2][2]                            ? 
_refine.aniso_B[2][3]                            ? 
_refine.aniso_B[3][3]                            ? 
_refine.B_iso_max                                ? 
_refine.B_iso_mean                               5.92 
_refine.B_iso_min                                ? 
_refine.correlation_coeff_Fo_to_Fc               ? 
_refine.correlation_coeff_Fo_to_Fc_free          ? 
_refine.details                                  ? 
_refine.diff_density_max                         ? 
_refine.diff_density_max_esd                     ? 
_refine.diff_density_min                         ? 
_refine.diff_density_min_esd                     ? 
_refine.diff_density_rms                         ? 
_refine.diff_density_rms_esd                     ? 
_refine.entry_id                                 7TMI 
_refine.pdbx_refine_id                           'X-RAY DIFFRACTION' 
_refine.ls_abs_structure_details                 ? 
_refine.ls_abs_structure_Flack                   ? 
_refine.ls_abs_structure_Flack_esd               ? 
_refine.ls_abs_structure_Rogers                  ? 
_refine.ls_abs_structure_Rogers_esd              ? 
_refine.ls_d_res_high                            0.80 
_refine.ls_d_res_low                             13.37 
_refine.ls_extinction_coef                       ? 
_refine.ls_extinction_coef_esd                   ? 
_refine.ls_extinction_expression                 ? 
_refine.ls_extinction_method                     ? 
_refine.ls_goodness_of_fit_all                   ? 
_refine.ls_goodness_of_fit_all_esd               ? 
_refine.ls_goodness_of_fit_obs                   ? 
_refine.ls_goodness_of_fit_obs_esd               ? 
_refine.ls_hydrogen_treatment                    ? 
_refine.ls_matrix_type                           ? 
_refine.ls_number_constraints                    ? 
_refine.ls_number_parameters                     ? 
_refine.ls_number_reflns_all                     ? 
_refine.ls_number_reflns_obs                     19566 
_refine.ls_number_reflns_R_free                  1943 
_refine.ls_number_reflns_R_work                  17623 
_refine.ls_number_restraints                     ? 
_refine.ls_percent_reflns_obs                    95.71 
_refine.ls_percent_reflns_R_free                 9.93 
_refine.ls_R_factor_all                          ? 
_refine.ls_R_factor_obs                          0.0975 
_refine.ls_R_factor_R_free                       0.1113 
_refine.ls_R_factor_R_free_error                 ? 
_refine.ls_R_factor_R_free_error_details         ? 
_refine.ls_R_factor_R_work                       0.0960 
_refine.ls_R_Fsqd_factor_obs                     ? 
_refine.ls_R_I_factor_obs                        ? 
_refine.ls_redundancy_reflns_all                 ? 
_refine.ls_redundancy_reflns_obs                 ? 
_refine.ls_restrained_S_all                      ? 
_refine.ls_restrained_S_obs                      ? 
_refine.ls_shift_over_esd_max                    ? 
_refine.ls_shift_over_esd_mean                   ? 
_refine.ls_structure_factor_coef                 ? 
_refine.ls_weighting_details                     ? 
_refine.ls_weighting_scheme                      ? 
_refine.ls_wR_factor_all                         ? 
_refine.ls_wR_factor_obs                         ? 
_refine.ls_wR_factor_R_free                      ? 
_refine.ls_wR_factor_R_work                      ? 
_refine.occupancy_max                            ? 
_refine.occupancy_min                            ? 
_refine.solvent_model_details                    'FLAT BULK SOLVENT MODEL' 
_refine.solvent_model_param_bsol                 ? 
_refine.solvent_model_param_ksol                 ? 
_refine.pdbx_R_complete                          ? 
_refine.ls_R_factor_gt                           ? 
_refine.ls_goodness_of_fit_gt                    ? 
_refine.ls_goodness_of_fit_ref                   ? 
_refine.ls_shift_over_su_max                     ? 
_refine.ls_shift_over_su_max_lt                  ? 
_refine.ls_shift_over_su_mean                    ? 
_refine.ls_shift_over_su_mean_lt                 ? 
_refine.pdbx_ls_sigma_I                          ? 
_refine.pdbx_ls_sigma_F                          1.46 
_refine.pdbx_ls_sigma_Fsqd                       ? 
_refine.pdbx_data_cutoff_high_absF               ? 
_refine.pdbx_data_cutoff_high_rms_absF           ? 
_refine.pdbx_data_cutoff_low_absF                ? 
_refine.pdbx_isotropic_thermal_model             ? 
_refine.pdbx_ls_cross_valid_method               'FREE R-VALUE' 
_refine.pdbx_method_to_determine_struct          'MOLECULAR REPLACEMENT' 
_refine.pdbx_starting_model                      7TLS 
_refine.pdbx_stereochemistry_target_values       'GeoStd + Monomer Library + CDL v1.2' 
_refine.pdbx_R_Free_selection_details            ? 
_refine.pdbx_stereochem_target_val_spec_case     ? 
_refine.pdbx_overall_ESU_R                       ? 
_refine.pdbx_overall_ESU_R_Free                  ? 
_refine.pdbx_solvent_vdw_probe_radii             1.1100 
_refine.pdbx_solvent_ion_probe_radii             ? 
_refine.pdbx_solvent_shrinkage_radii             0.9000 
_refine.pdbx_real_space_R                        ? 
_refine.pdbx_density_correlation                 ? 
_refine.pdbx_pd_number_of_powder_patterns        ? 
_refine.pdbx_pd_number_of_points                 ? 
_refine.pdbx_pd_meas_number_of_points            ? 
_refine.pdbx_pd_proc_ls_prof_R_factor            ? 
_refine.pdbx_pd_proc_ls_prof_wR_factor           ? 
_refine.pdbx_pd_Marquardt_correlation_coeff      ? 
_refine.pdbx_pd_Fsqrd_R_factor                   ? 
_refine.pdbx_pd_ls_matrix_band_width             ? 
_refine.pdbx_overall_phase_error                 9.9814 
_refine.pdbx_overall_SU_R_free_Cruickshank_DPI   ? 
_refine.pdbx_overall_SU_R_free_Blow_DPI          ? 
_refine.pdbx_overall_SU_R_Blow_DPI               ? 
_refine.pdbx_TLS_residual_ADP_flag               ? 
_refine.pdbx_diffrn_id                           1 
_refine.overall_SU_B                             ? 
_refine.overall_SU_ML                            0.0348 
_refine.overall_SU_R_Cruickshank_DPI             ? 
_refine.overall_SU_R_free                        ? 
_refine.overall_FOM_free_R_set                   ? 
_refine.overall_FOM_work_R_set                   ? 
_refine.pdbx_average_fsc_overall                 ? 
_refine.pdbx_average_fsc_work                    ? 
_refine.pdbx_average_fsc_free                    ? 
# 
_refine_hist.pdbx_refine_id                   'X-RAY DIFFRACTION' 
_refine_hist.cycle_id                         LAST 
_refine_hist.details                          ? 
_refine_hist.d_res_high                       0.80 
_refine_hist.d_res_low                        13.37 
_refine_hist.number_atoms_solvent             4 
_refine_hist.number_atoms_total               120 
_refine_hist.number_reflns_all                ? 
_refine_hist.number_reflns_obs                ? 
_refine_hist.number_reflns_R_free             ? 
_refine_hist.number_reflns_R_work             ? 
_refine_hist.R_factor_all                     ? 
_refine_hist.R_factor_obs                     ? 
_refine_hist.R_factor_R_free                  ? 
_refine_hist.R_factor_R_work                  ? 
_refine_hist.pdbx_number_residues_total       ? 
_refine_hist.pdbx_B_iso_mean_ligand           ? 
_refine_hist.pdbx_B_iso_mean_solvent          ? 
_refine_hist.pdbx_number_atoms_protein        85 
_refine_hist.pdbx_number_atoms_nucleic_acid   0 
_refine_hist.pdbx_number_atoms_ligand         31 
_refine_hist.pdbx_number_atoms_lipid          ? 
_refine_hist.pdbx_number_atoms_carb           ? 
_refine_hist.pdbx_pseudo_atom_details         ? 
# 
loop_
_refine_ls_restr.pdbx_refine_id 
_refine_ls_restr.criterion 
_refine_ls_restr.dev_ideal 
_refine_ls_restr.dev_ideal_target 
_refine_ls_restr.number 
_refine_ls_restr.rejects 
_refine_ls_restr.type 
_refine_ls_restr.weight 
_refine_ls_restr.pdbx_restraint_function 
'X-RAY DIFFRACTION' ? 0.0101  ? 154 ? f_bond_d           ? ? 
'X-RAY DIFFRACTION' ? 1.8860  ? 204 ? f_angle_d          ? ? 
'X-RAY DIFFRACTION' ? 0.0361  ? 9   ? f_chiral_restr     ? ? 
'X-RAY DIFFRACTION' ? 0.0087  ? 24  ? f_plane_restr      ? ? 
'X-RAY DIFFRACTION' ? 51.6357 ? 25  ? f_dihedral_angle_d ? ? 
# 
loop_
_refine_ls_shell.pdbx_refine_id 
_refine_ls_shell.d_res_high 
_refine_ls_shell.d_res_low 
_refine_ls_shell.number_reflns_all 
_refine_ls_shell.number_reflns_obs 
_refine_ls_shell.number_reflns_R_free 
_refine_ls_shell.number_reflns_R_work 
_refine_ls_shell.percent_reflns_obs 
_refine_ls_shell.percent_reflns_R_free 
_refine_ls_shell.R_factor_all 
_refine_ls_shell.R_factor_obs 
_refine_ls_shell.R_factor_R_free 
_refine_ls_shell.R_factor_R_free_error 
_refine_ls_shell.R_factor_R_work 
_refine_ls_shell.redundancy_reflns_all 
_refine_ls_shell.redundancy_reflns_obs 
_refine_ls_shell.wR_factor_all 
_refine_ls_shell.wR_factor_obs 
_refine_ls_shell.wR_factor_R_free 
_refine_ls_shell.wR_factor_R_work 
_refine_ls_shell.pdbx_R_complete 
_refine_ls_shell.pdbx_total_number_of_bins_used 
_refine_ls_shell.pdbx_phase_error 
_refine_ls_shell.pdbx_fsc_work 
_refine_ls_shell.pdbx_fsc_free 
'X-RAY DIFFRACTION' 0.80 0.82  . . 128 1168 90.76 . . . 0.1035 . 0.0897 . . . . . . . . . . . 
'X-RAY DIFFRACTION' 0.82 0.84  . . 145 1273 94.47 . . . 0.1050 . 0.0851 . . . . . . . . . . . 
'X-RAY DIFFRACTION' 0.84 0.87  . . 135 1217 95.41 . . . 0.1042 . 0.0804 . . . . . . . . . . . 
'X-RAY DIFFRACTION' 0.87 0.89  . . 144 1302 96.85 . . . 0.0962 . 0.0760 . . . . . . . . . . . 
'X-RAY DIFFRACTION' 0.90 0.93  . . 134 1223 95.77 . . . 0.0988 . 0.0823 . . . . . . . . . . . 
'X-RAY DIFFRACTION' 0.93 0.96  . . 145 1314 95.99 . . . 0.0824 . 0.0780 . . . . . . . . . . . 
'X-RAY DIFFRACTION' 0.96 1.01  . . 134 1248 96.58 . . . 0.0796 . 0.0778 . . . . . . . . . . . 
'X-RAY DIFFRACTION' 1.01 1.06  . . 137 1252 94.81 . . . 0.0988 . 0.0704 . . . . . . . . . . . 
'X-RAY DIFFRACTION' 1.06 1.13  . . 140 1319 98.32 . . . 0.0749 . 0.0738 . . . . . . . . . . . 
'X-RAY DIFFRACTION' 1.13 1.21  . . 147 1279 98.55 . . . 0.0913 . 0.0710 . . . . . . . . . . . 
'X-RAY DIFFRACTION' 1.21 1.34  . . 142 1289 98.15 . . . 0.0952 . 0.0825 . . . . . . . . . . . 
'X-RAY DIFFRACTION' 1.34 1.53  . . 146 1275 98.07 . . . 0.0961 . 0.0956 . . . . . . . . . . . 
'X-RAY DIFFRACTION' 1.53 1.93  . . 139 1257 94.45 . . . 0.1246 . 0.1042 . . . . . . . . . . . 
'X-RAY DIFFRACTION' 1.93 13.37 . . 127 1207 92.13 . . . 0.1656 . 0.1430 . . . . . . . . . . . 
# 
_struct.entry_id                     7TMI 
_struct.title                        'Porous framework formed by assembly of a bipyridyl-conjugated helical peptide' 
_struct.pdbx_model_details           ? 
_struct.pdbx_formula_weight          ? 
_struct.pdbx_formula_weight_method   ? 
_struct.pdbx_model_type_details      ? 
_struct.pdbx_CASP_flag               N 
# 
_struct_keywords.entry_id        7TMI 
_struct_keywords.text            'porous, framework, helix, 310, alpha, assembly, bipyridine, UIC-1, DE NOVO PROTEIN' 
_struct_keywords.pdbx_keywords   'DE NOVO PROTEIN' 
# 
loop_
_struct_asym.id 
_struct_asym.pdbx_blank_PDB_chainid_flag 
_struct_asym.pdbx_modified 
_struct_asym.entity_id 
_struct_asym.details 
A N N 1 ? 
B N N 2 ? 
C N N 2 ? 
D N N 2 ? 
E N N 2 ? 
F N N 3 ? 
# 
_struct_ref.id                         1 
_struct_ref.db_name                    PDB 
_struct_ref.db_code                    7TMI 
_struct_ref.pdbx_db_accession          7TMI 
_struct_ref.pdbx_db_isoform            ? 
_struct_ref.entity_id                  1 
_struct_ref.pdbx_seq_one_letter_code   ? 
_struct_ref.pdbx_align_begin           1 
# 
_struct_ref_seq.align_id                      1 
_struct_ref_seq.ref_id                        1 
_struct_ref_seq.pdbx_PDB_id_code              7TMI 
_struct_ref_seq.pdbx_strand_id                A 
_struct_ref_seq.seq_align_beg                 2 
_struct_ref_seq.pdbx_seq_align_beg_ins_code   ? 
_struct_ref_seq.seq_align_end                 10 
_struct_ref_seq.pdbx_seq_align_end_ins_code   ? 
_struct_ref_seq.pdbx_db_accession             7TMI 
_struct_ref_seq.db_align_beg                  2 
_struct_ref_seq.pdbx_db_align_beg_ins_code    ? 
_struct_ref_seq.db_align_end                  10 
_struct_ref_seq.pdbx_db_align_end_ins_code    ? 
_struct_ref_seq.pdbx_auth_seq_align_beg       2 
_struct_ref_seq.pdbx_auth_seq_align_end       10 
# 
_pdbx_struct_assembly.id                   1 
_pdbx_struct_assembly.details              software_defined_assembly 
_pdbx_struct_assembly.method_details       PISA 
_pdbx_struct_assembly.oligomeric_details   monomeric 
_pdbx_struct_assembly.oligomeric_count     1 
# 
_pdbx_struct_assembly_gen.assembly_id       1 
_pdbx_struct_assembly_gen.oper_expression   1 
_pdbx_struct_assembly_gen.asym_id_list      A,B,C,D,E,F 
# 
_pdbx_struct_assembly_auth_evidence.id                     1 
_pdbx_struct_assembly_auth_evidence.assembly_id            1 
_pdbx_struct_assembly_auth_evidence.experimental_support   none 
_pdbx_struct_assembly_auth_evidence.details                ? 
# 
_pdbx_struct_oper_list.id                   1 
_pdbx_struct_oper_list.type                 'identity operation' 
_pdbx_struct_oper_list.name                 1_555 
_pdbx_struct_oper_list.symmetry_operation   x,y,z 
_pdbx_struct_oper_list.matrix[1][1]         1.0000000000 
_pdbx_struct_oper_list.matrix[1][2]         0.0000000000 
_pdbx_struct_oper_list.matrix[1][3]         0.0000000000 
_pdbx_struct_oper_list.vector[1]            0.0000000000 
_pdbx_struct_oper_list.matrix[2][1]         0.0000000000 
_pdbx_struct_oper_list.matrix[2][2]         1.0000000000 
_pdbx_struct_oper_list.matrix[2][3]         0.0000000000 
_pdbx_struct_oper_list.vector[2]            0.0000000000 
_pdbx_struct_oper_list.matrix[3][1]         0.0000000000 
_pdbx_struct_oper_list.matrix[3][2]         0.0000000000 
_pdbx_struct_oper_list.matrix[3][3]         1.0000000000 
_pdbx_struct_oper_list.vector[3]            0.0000000000 
# 
_struct_conf.conf_type_id            HELX_P 
_struct_conf.id                      HELX_P1 
_struct_conf.pdbx_PDB_helix_id       AA1 
_struct_conf.beg_label_comp_id       LEU 
_struct_conf.beg_label_asym_id       A 
_struct_conf.beg_label_seq_id        2 
_struct_conf.pdbx_beg_PDB_ins_code   ? 
_struct_conf.end_label_comp_id       GLN 
_struct_conf.end_label_asym_id       A 
_struct_conf.end_label_seq_id        8 
_struct_conf.pdbx_end_PDB_ins_code   ? 
_struct_conf.beg_auth_comp_id        LEU 
_struct_conf.beg_auth_asym_id        A 
_struct_conf.beg_auth_seq_id         2 
_struct_conf.end_auth_comp_id        GLN 
_struct_conf.end_auth_asym_id        A 
_struct_conf.end_auth_seq_id         8 
_struct_conf.pdbx_PDB_helix_class    1 
_struct_conf.details                 ? 
_struct_conf.pdbx_PDB_helix_length   7 
# 
_struct_conf_type.id          HELX_P 
_struct_conf_type.criteria    ? 
_struct_conf_type.reference   ? 
# 
loop_
_struct_conn.id 
_struct_conn.conn_type_id 
_struct_conn.pdbx_leaving_atom_flag 
_struct_conn.pdbx_PDB_id 
_struct_conn.ptnr1_label_asym_id 
_struct_conn.ptnr1_label_comp_id 
_struct_conn.ptnr1_label_seq_id 
_struct_conn.ptnr1_label_atom_id 
_struct_conn.pdbx_ptnr1_label_alt_id 
_struct_conn.pdbx_ptnr1_PDB_ins_code 
_struct_conn.pdbx_ptnr1_standard_comp_id 
_struct_conn.ptnr1_symmetry 
_struct_conn.ptnr2_label_asym_id 
_struct_conn.ptnr2_label_comp_id 
_struct_conn.ptnr2_label_seq_id 
_struct_conn.ptnr2_label_atom_id 
_struct_conn.pdbx_ptnr2_label_alt_id 
_struct_conn.pdbx_ptnr2_PDB_ins_code 
_struct_conn.ptnr1_auth_asym_id 
_struct_conn.ptnr1_auth_comp_id 
_struct_conn.ptnr1_auth_seq_id 
_struct_conn.ptnr2_auth_asym_id 
_struct_conn.ptnr2_auth_comp_id 
_struct_conn.ptnr2_auth_seq_id 
_struct_conn.ptnr2_symmetry 
_struct_conn.pdbx_ptnr3_label_atom_id 
_struct_conn.pdbx_ptnr3_label_seq_id 
_struct_conn.pdbx_ptnr3_label_comp_id 
_struct_conn.pdbx_ptnr3_label_asym_id 
_struct_conn.pdbx_ptnr3_label_alt_id 
_struct_conn.pdbx_ptnr3_PDB_ins_code 
_struct_conn.details 
_struct_conn.pdbx_dist_value 
_struct_conn.pdbx_value_order 
_struct_conn.pdbx_role 
covale1  covale one  ? A I6W 1  C02 A ? ? 1_555 A LEU 2  N   ? ? A I6W 1  A LEU 2  1_555 ? ? ? ? ? ? ? 1.425 ? ? 
covale2  covale one  ? A I6W 1  C02 B ? ? 1_555 A LEU 2  N   ? ? A I6W 1  A LEU 2  1_555 ? ? ? ? ? ? ? 1.421 ? ? 
covale3  covale both ? A LEU 2  C   ? ? ? 1_555 A AIB 3  N   ? ? A LEU 2  A AIB 3  1_555 ? ? ? ? ? ? ? 1.339 ? ? 
covale4  covale both ? A AIB 3  C   ? ? ? 1_555 A ALA 4  N   ? ? A AIB 3  A ALA 4  1_555 ? ? ? ? ? ? ? 1.333 ? ? 
covale5  covale both ? A LEU 6  C   ? ? ? 1_555 A AIB 7  N   ? ? A LEU 6  A AIB 7  1_555 ? ? ? ? ? ? ? 1.337 ? ? 
covale6  covale both ? A AIB 7  C   ? ? ? 1_555 A GLN 8  N   ? ? A AIB 7  A GLN 8  1_555 ? ? ? ? ? ? ? 1.341 ? ? 
covale7  covale both ? A GLN 8  C   ? ? ? 1_555 A AIB 9  N   ? ? A GLN 8  A AIB 9  1_555 ? ? ? ? ? ? ? 1.342 ? ? 
covale8  covale both ? A AIB 9  C   ? ? ? 1_555 A LEU 10 N   ? ? A AIB 9  A LEU 10 1_555 ? ? ? ? ? ? ? 1.341 ? ? 
covale9  covale one  ? A LEU 10 C   ? ? ? 1_555 A I77 11 N15 A ? A LEU 10 A I77 11 1_555 ? ? ? ? ? ? ? 1.414 ? ? 
covale10 covale one  ? A LEU 10 C   ? ? ? 1_555 A I77 11 N15 B ? A LEU 10 A I77 11 1_555 ? ? ? ? ? ? ? 1.412 ? ? 
# 
_struct_conn_type.id          covale 
_struct_conn_type.criteria    ? 
_struct_conn_type.reference   ? 
# 
_pdbx_entry_details.entry_id                   7TMI 
_pdbx_entry_details.has_ligand_of_interest     N 
_pdbx_entry_details.compound_details           ? 
_pdbx_entry_details.source_details             ? 
_pdbx_entry_details.nonpolymer_details         ? 
_pdbx_entry_details.sequence_details           ? 
_pdbx_entry_details.has_protein_modification   ? 
# 
loop_
_space_group_symop.id 
_space_group_symop.operation_xyz 
1 x,y,z       
2 -x,y+1/2,-z 
# 
loop_
_chem_comp_atom.comp_id 
_chem_comp_atom.atom_id 
_chem_comp_atom.type_symbol 
_chem_comp_atom.pdbx_aromatic_flag 
_chem_comp_atom.pdbx_stereo_config 
_chem_comp_atom.pdbx_ordinal 
AIB N    N N N 1   
AIB CA   C N N 2   
AIB C    C N N 3   
AIB O    O N N 4   
AIB OXT  O N N 5   
AIB CB1  C N N 6   
AIB CB2  C N N 7   
AIB H    H N N 8   
AIB H2   H N N 9   
AIB HXT  H N N 10  
AIB HB11 H N N 11  
AIB HB12 H N N 12  
AIB HB13 H N N 13  
AIB HB21 H N N 14  
AIB HB22 H N N 15  
AIB HB23 H N N 16  
ALA N    N N N 17  
ALA CA   C N S 18  
ALA C    C N N 19  
ALA O    O N N 20  
ALA CB   C N N 21  
ALA OXT  O N N 22  
ALA H    H N N 23  
ALA H2   H N N 24  
ALA HA   H N N 25  
ALA HB1  H N N 26  
ALA HB2  H N N 27  
ALA HB3  H N N 28  
ALA HXT  H N N 29  
CCN N    N N N 30  
CCN C1   C N N 31  
CCN C2   C N N 32  
CCN H21  H N N 33  
CCN H22  H N N 34  
CCN H23  H N N 35  
GLN N    N N N 36  
GLN CA   C N S 37  
GLN C    C N N 38  
GLN O    O N N 39  
GLN CB   C N N 40  
GLN CG   C N N 41  
GLN CD   C N N 42  
GLN OE1  O N N 43  
GLN NE2  N N N 44  
GLN OXT  O N N 45  
GLN H    H N N 46  
GLN H2   H N N 47  
GLN HA   H N N 48  
GLN HB2  H N N 49  
GLN HB3  H N N 50  
GLN HG2  H N N 51  
GLN HG3  H N N 52  
GLN HE21 H N N 53  
GLN HE22 H N N 54  
GLN HXT  H N N 55  
HIS N    N N N 56  
HIS CA   C N S 57  
HIS C    C N N 58  
HIS O    O N N 59  
HIS CB   C N N 60  
HIS CG   C Y N 61  
HIS ND1  N Y N 62  
HIS CD2  C Y N 63  
HIS CE1  C Y N 64  
HIS NE2  N Y N 65  
HIS OXT  O N N 66  
HIS H    H N N 67  
HIS H2   H N N 68  
HIS HA   H N N 69  
HIS HB2  H N N 70  
HIS HB3  H N N 71  
HIS HD1  H N N 72  
HIS HD2  H N N 73  
HIS HE1  H N N 74  
HIS HE2  H N N 75  
HIS HXT  H N N 76  
HOH O    O N N 77  
HOH H1   H N N 78  
HOH H2   H N N 79  
I6W C05  C Y N 80  
I6W C08  C Y N 81  
I6W C09  C Y N 82  
I6W N10  N Y N 83  
I6W C02  C N N 84  
I6W C03  C Y N 85  
I6W C04  C Y N 86  
I6W C06  C Y N 87  
I6W C11  C Y N 88  
I6W C12  C Y N 89  
I6W C13  C N N 90  
I6W C15  C N N 91  
I6W C16  C N N 92  
I6W C18  C Y N 93  
I6W C19  C Y N 94  
I6W N07  N Y N 95  
I6W O01  O N N 96  
I6W O14  O N N 97  
I6W O17  O N N 98  
I6W H051 H N N 99  
I6W H1   H N N 100 
I6W H041 H N N 101 
I6W H061 H N N 102 
I6W H111 H N N 103 
I6W H152 H N N 104 
I6W H151 H N N 105 
I6W H162 H N N 106 
I6W H163 H N N 107 
I6W H161 H N N 108 
I6W H181 H N N 109 
I6W H191 H N N 110 
I77 C11  C Y N 111 
I77 C12  C Y N 112 
I77 C13  C N N 113 
I77 C17  C Y N 114 
I77 C18  C Y N 115 
I77 C02  C N N 116 
I77 C03  C Y N 117 
I77 C04  C Y N 118 
I77 C05  C Y N 119 
I77 C06  C Y N 120 
I77 C08  C Y N 121 
I77 C09  C Y N 122 
I77 N01  N N N 123 
I77 N07  N Y N 124 
I77 N10  N Y N 125 
I77 N14  N N N 126 
I77 N15  N N N 127 
I77 O16  O N N 128 
I77 O19  O N N 129 
I77 H111 H N N 130 
I77 H171 H N N 131 
I77 H181 H N N 132 
I77 H041 H N N 133 
I77 H051 H N N 134 
I77 H061 H N N 135 
I77 H011 H N N 136 
I77 H012 H N N 137 
I77 H141 H N N 138 
I77 H1   H N N 139 
I77 H2   H N N 140 
LEU N    N N N 141 
LEU CA   C N S 142 
LEU C    C N N 143 
LEU O    O N N 144 
LEU CB   C N N 145 
LEU CG   C N N 146 
LEU CD1  C N N 147 
LEU CD2  C N N 148 
LEU OXT  O N N 149 
LEU H    H N N 150 
LEU H2   H N N 151 
LEU HA   H N N 152 
LEU HB2  H N N 153 
LEU HB3  H N N 154 
LEU HG   H N N 155 
LEU HD11 H N N 156 
LEU HD12 H N N 157 
LEU HD13 H N N 158 
LEU HD21 H N N 159 
LEU HD22 H N N 160 
LEU HD23 H N N 161 
LEU HXT  H N N 162 
# 
loop_
_chem_comp_bond.comp_id 
_chem_comp_bond.atom_id_1 
_chem_comp_bond.atom_id_2 
_chem_comp_bond.value_order 
_chem_comp_bond.pdbx_aromatic_flag 
_chem_comp_bond.pdbx_stereo_config 
_chem_comp_bond.pdbx_ordinal 
AIB N   CA   sing N N 1   
AIB N   H    sing N N 2   
AIB N   H2   sing N N 3   
AIB CA  C    sing N N 4   
AIB CA  CB1  sing N N 5   
AIB CA  CB2  sing N N 6   
AIB C   O    doub N N 7   
AIB C   OXT  sing N N 8   
AIB OXT HXT  sing N N 9   
AIB CB1 HB11 sing N N 10  
AIB CB1 HB12 sing N N 11  
AIB CB1 HB13 sing N N 12  
AIB CB2 HB21 sing N N 13  
AIB CB2 HB22 sing N N 14  
AIB CB2 HB23 sing N N 15  
ALA N   CA   sing N N 16  
ALA N   H    sing N N 17  
ALA N   H2   sing N N 18  
ALA CA  C    sing N N 19  
ALA CA  CB   sing N N 20  
ALA CA  HA   sing N N 21  
ALA C   O    doub N N 22  
ALA C   OXT  sing N N 23  
ALA CB  HB1  sing N N 24  
ALA CB  HB2  sing N N 25  
ALA CB  HB3  sing N N 26  
ALA OXT HXT  sing N N 27  
CCN N   C1   trip N N 28  
CCN C1  C2   sing N N 29  
CCN C2  H21  sing N N 30  
CCN C2  H22  sing N N 31  
CCN C2  H23  sing N N 32  
GLN N   CA   sing N N 33  
GLN N   H    sing N N 34  
GLN N   H2   sing N N 35  
GLN CA  C    sing N N 36  
GLN CA  CB   sing N N 37  
GLN CA  HA   sing N N 38  
GLN C   O    doub N N 39  
GLN C   OXT  sing N N 40  
GLN CB  CG   sing N N 41  
GLN CB  HB2  sing N N 42  
GLN CB  HB3  sing N N 43  
GLN CG  CD   sing N N 44  
GLN CG  HG2  sing N N 45  
GLN CG  HG3  sing N N 46  
GLN CD  OE1  doub N N 47  
GLN CD  NE2  sing N N 48  
GLN NE2 HE21 sing N N 49  
GLN NE2 HE22 sing N N 50  
GLN OXT HXT  sing N N 51  
HIS N   CA   sing N N 52  
HIS N   H    sing N N 53  
HIS N   H2   sing N N 54  
HIS CA  C    sing N N 55  
HIS CA  CB   sing N N 56  
HIS CA  HA   sing N N 57  
HIS C   O    doub N N 58  
HIS C   OXT  sing N N 59  
HIS CB  CG   sing N N 60  
HIS CB  HB2  sing N N 61  
HIS CB  HB3  sing N N 62  
HIS CG  ND1  sing Y N 63  
HIS CG  CD2  doub Y N 64  
HIS ND1 CE1  doub Y N 65  
HIS ND1 HD1  sing N N 66  
HIS CD2 NE2  sing Y N 67  
HIS CD2 HD2  sing N N 68  
HIS CE1 NE2  sing Y N 69  
HIS CE1 HE1  sing N N 70  
HIS NE2 HE2  sing N N 71  
HIS OXT HXT  sing N N 72  
HOH O   H1   sing N N 73  
HOH O   H2   sing N N 74  
I6W O01 C02  doub N N 75  
I6W C02 C03  sing N N 76  
I6W C03 C06  doub Y N 77  
I6W C03 C04  sing Y N 78  
I6W C06 N07  sing Y N 79  
I6W C04 C05  doub Y N 80  
I6W N07 C08  doub Y N 81  
I6W C05 C08  sing Y N 82  
I6W C08 C09  sing N N 83  
I6W C09 C19  doub Y N 84  
I6W C09 N10  sing Y N 85  
I6W C19 C18  sing Y N 86  
I6W N10 C11  doub Y N 87  
I6W C18 C12  doub Y N 88  
I6W C11 C12  sing Y N 89  
I6W C12 C13  sing N N 90  
I6W C13 O17  doub N N 91  
I6W C13 O14  sing N N 92  
I6W O14 C15  sing N N 93  
I6W C15 C16  sing N N 94  
I6W C05 H051 sing N N 95  
I6W C02 H1   sing N N 96  
I6W C04 H041 sing N N 97  
I6W C06 H061 sing N N 98  
I6W C11 H111 sing N N 99  
I6W C15 H152 sing N N 100 
I6W C15 H151 sing N N 101 
I6W C16 H162 sing N N 102 
I6W C16 H163 sing N N 103 
I6W C16 H161 sing N N 104 
I6W C18 H181 sing N N 105 
I6W C19 H191 sing N N 106 
I77 N15 N14  sing N N 107 
I77 O16 C13  doub N N 108 
I77 N14 C13  sing N N 109 
I77 C13 C12  sing N N 110 
I77 C12 C17  doub Y N 111 
I77 C12 C11  sing Y N 112 
I77 C17 C18  sing Y N 113 
I77 C11 N10  doub Y N 114 
I77 C18 C09  doub Y N 115 
I77 N10 C09  sing Y N 116 
I77 C09 C08  sing N N 117 
I77 C08 N07  doub Y N 118 
I77 C08 C05  sing Y N 119 
I77 N07 C06  sing Y N 120 
I77 C05 C04  doub Y N 121 
I77 C06 C03  doub Y N 122 
I77 C04 C03  sing Y N 123 
I77 C03 C02  sing N N 124 
I77 C02 N01  sing N N 125 
I77 C02 O19  doub N N 126 
I77 C11 H111 sing N N 127 
I77 C17 H171 sing N N 128 
I77 C18 H181 sing N N 129 
I77 C04 H041 sing N N 130 
I77 C05 H051 sing N N 131 
I77 C06 H061 sing N N 132 
I77 N01 H011 sing N N 133 
I77 N01 H012 sing N N 134 
I77 N14 H141 sing N N 135 
I77 N15 H1   sing N N 136 
I77 N15 H2   sing N N 137 
LEU N   CA   sing N N 138 
LEU N   H    sing N N 139 
LEU N   H2   sing N N 140 
LEU CA  C    sing N N 141 
LEU CA  CB   sing N N 142 
LEU CA  HA   sing N N 143 
LEU C   O    doub N N 144 
LEU C   OXT  sing N N 145 
LEU CB  CG   sing N N 146 
LEU CB  HB2  sing N N 147 
LEU CB  HB3  sing N N 148 
LEU CG  CD1  sing N N 149 
LEU CG  CD2  sing N N 150 
LEU CG  HG   sing N N 151 
LEU CD1 HD11 sing N N 152 
LEU CD1 HD12 sing N N 153 
LEU CD1 HD13 sing N N 154 
LEU CD2 HD21 sing N N 155 
LEU CD2 HD22 sing N N 156 
LEU CD2 HD23 sing N N 157 
LEU OXT HXT  sing N N 158 
# 
_pdbx_audit_support.funding_organization   'Department of Energy (DOE, United States)' 
_pdbx_audit_support.country                'United States' 
_pdbx_audit_support.grant_number           DE-AC02-06CH11357 
_pdbx_audit_support.ordinal                1 
# 
_pdbx_initial_refinement_model.id               1 
_pdbx_initial_refinement_model.entity_id_list   ? 
_pdbx_initial_refinement_model.type             'experimental model' 
_pdbx_initial_refinement_model.source_name      PDB 
_pdbx_initial_refinement_model.accession_code   7TLS 
_pdbx_initial_refinement_model.details          ? 
# 
_space_group.name_H-M_alt     'P 1 21 1' 
_space_group.name_Hall        'P 2yb' 
_space_group.IT_number        4 
_space_group.crystal_system   monoclinic 
_space_group.id               1 
# 
_atom_sites.entry_id                    7TMI 
_atom_sites.Cartn_transf_matrix[1][1]   ? 
_atom_sites.Cartn_transf_matrix[1][2]   ? 
_atom_sites.Cartn_transf_matrix[1][3]   ? 
_atom_sites.Cartn_transf_matrix[2][1]   ? 
_atom_sites.Cartn_transf_matrix[2][2]   ? 
_atom_sites.Cartn_transf_matrix[2][3]   ? 
_atom_sites.Cartn_transf_matrix[3][1]   ? 
_atom_sites.Cartn_transf_matrix[3][2]   ? 
_atom_sites.Cartn_transf_matrix[3][3]   ? 
_atom_sites.Cartn_transf_vector[1]      ? 
_atom_sites.Cartn_transf_vector[2]      ? 
_atom_sites.Cartn_transf_vector[3]      ? 
_atom_sites.fract_transf_matrix[1][1]   -0.00666660 
_atom_sites.fract_transf_matrix[1][2]   0.01774024 
_atom_sites.fract_transf_matrix[1][3]   0.07234394 
_atom_sites.fract_transf_matrix[2][1]   -0.02636704 
_atom_sites.fract_transf_matrix[2][2]   -0.06819521 
_atom_sites.fract_transf_matrix[2][3]   0.01429312 
_atom_sites.fract_transf_matrix[3][1]   0.03291297 
_atom_sites.fract_transf_matrix[3][2]   -0.01038004 
_atom_sites.fract_transf_matrix[3][3]   0.01119059 
_atom_sites.fract_transf_vector[1]      0.100541 
_atom_sites.fract_transf_vector[2]      0.234425 
_atom_sites.fract_transf_vector[3]      0.328605 
_atom_sites.solution_primary            ? 
_atom_sites.solution_secondary          ? 
_atom_sites.solution_hydrogens          ? 
_atom_sites.special_details             ? 
# 
loop_
_atom_type.symbol 
_atom_type.scat_dispersion_real 
_atom_type.scat_dispersion_imag 
_atom_type.scat_Cromer_Mann_a1 
_atom_type.scat_Cromer_Mann_a2 
_atom_type.scat_Cromer_Mann_a3 
_atom_type.scat_Cromer_Mann_a4 
_atom_type.scat_Cromer_Mann_b1 
_atom_type.scat_Cromer_Mann_b2 
_atom_type.scat_Cromer_Mann_b3 
_atom_type.scat_Cromer_Mann_b4 
_atom_type.scat_Cromer_Mann_c 
_atom_type.scat_source 
_atom_type.scat_dispersion_source 
C ? ? 2.51340 1.74867 1.72398 ? 31.80534 0.44561  10.58317 ? 0.0 
;3-Gaussian fit: Grosse-Kunstleve RW, Sauter NK, Adams PD: Newsletter of the IUCr Commission on Crystallographic Computing 2004, 3, 22-31.
;
? 
H ? ? 0.53795 0.34799 0.11320 ? 10.08003 29.74760 2.57510  ? 0.0 
;3-Gaussian fit: Grosse-Kunstleve RW, Sauter NK, Adams PD: Newsletter of the IUCr Commission on Crystallographic Computing 2004, 3, 22-31.
;
? 
N ? ? 2.99955 2.25584 1.72788 ? 23.27268 7.45433  0.31622  ? 0.0 
;3-Gaussian fit: Grosse-Kunstleve RW, Sauter NK, Adams PD: Newsletter of the IUCr Commission on Crystallographic Computing 2004, 3, 22-31.
;
? 
O ? ? 3.21184 3.04156 1.73156 ? 18.83700 5.90590  0.24126  ? 0.0 
;3-Gaussian fit: Grosse-Kunstleve RW, Sauter NK, Adams PD: Newsletter of the IUCr Commission on Crystallographic Computing 2004, 3, 22-31.
;
? 
# 
loop_
_atom_site.group_PDB 
_atom_site.id 
_atom_site.type_symbol 
_atom_site.label_atom_id 
_atom_site.label_alt_id 
_atom_site.label_comp_id 
_atom_site.label_asym_id 
_atom_site.label_entity_id 
_atom_site.label_seq_id 
_atom_site.pdbx_PDB_ins_code 
_atom_site.Cartn_x 
_atom_site.Cartn_y 
_atom_site.Cartn_z 
_atom_site.occupancy 
_atom_site.B_iso_or_equiv 
_atom_site.pdbx_formal_charge 
_atom_site.auth_seq_id 
_atom_site.auth_comp_id 
_atom_site.auth_asym_id 
_atom_site.auth_atom_id 
_atom_site.pdbx_PDB_model_num 
HETATM 1   C C05  A I6W A 1 1  ? -6.30132  -4.36955 -6.47302  0.291 5.40125  ? 1   I6W A C05  1 
HETATM 2   C C05  B I6W A 1 1  ? -6.41142  -4.21605 -6.08740  0.709 7.39099  ? 1   I6W A C05  1 
HETATM 3   C C08  A I6W A 1 1  ? -5.90212  -4.75649 -7.71123  0.291 5.70737  ? 1   I6W A C08  1 
HETATM 4   C C08  B I6W A 1 1  ? -6.15333  -4.55779 -7.37653  0.709 7.24762  ? 1   I6W A C08  1 
HETATM 5   C C09  A I6W A 1 1  ? -6.81896  -4.52765 -8.89062  0.291 6.35714  ? 1   I6W A C09  1 
HETATM 6   C C09  B I6W A 1 1  ? -7.24372  -4.38098 -8.40037  0.709 7.73659  ? 1   I6W A C09  1 
HETATM 7   N N10  A I6W A 1 1  ? -8.00100  -3.99869 -8.70631  0.291 6.50021  ? 1   I6W A N10  1 
HETATM 8   N N10  B I6W A 1 1  ? -8.36224  -3.79699 -8.04951  0.709 8.39003  ? 1   I6W A N10  1 
HETATM 9   C C02  A I6W A 1 1  ? -3.24726  -5.25666 -4.45299  0.291 4.65130  ? 1   I6W A C02  1 
HETATM 10  C C02  B I6W A 1 1  ? -3.11760  -5.00657 -4.51381  0.709 4.51017  ? 1   I6W A C02  1 
HETATM 11  C C03  A I6W A 1 1  ? -4.17987  -5.08675 -5.65201  0.291 4.73764  ? 1   I6W A C03  1 
HETATM 12  C C03  B I6W A 1 1  ? -4.20476  -4.87901 -5.56384  0.709 5.96026  ? 1   I6W A C03  1 
HETATM 13  C C04  A I6W A 1 1  ? -5.42720  -4.54872 -5.39519  0.291 5.15461  ? 1   I6W A C04  1 
HETATM 14  C C04  B I6W A 1 1  ? -5.41074  -4.36554 -5.13246  0.709 7.14430  ? 1   I6W A C04  1 
HETATM 15  C C06  A I6W A 1 1  ? -3.82484  -5.44384 -6.93678  0.291 5.00770  ? 1   I6W A C06  1 
HETATM 16  C C06  B I6W A 1 1  ? -4.00897  -5.22196 -6.88902  0.709 6.54335  ? 1   I6W A C06  1 
HETATM 17  C C11  A I6W A 1 1  ? -8.80213  -3.74685 -9.70773  0.291 6.85629  ? 1   I6W A C11  1 
HETATM 18  C C11  B I6W A 1 1  ? -9.34226  -3.61187 -8.89902  0.709 8.69436  ? 1   I6W A C11  1 
HETATM 19  C C12  A I6W A 1 1  ? -8.38031  -4.02421 -10.99142 0.291 7.47149  ? 1   I6W A C12  1 
HETATM 20  C C12  B I6W A 1 1  ? -9.19503  -4.03268 -10.20505 0.709 9.18775  ? 1   I6W A C12  1 
HETATM 21  C C13  A I6W A 1 1  ? -9.29153  -3.70881 -12.18941 0.291 8.11879  ? 1   I6W A C13  1 
HETATM 22  C C13  B I6W A 1 1  ? -10.38632 -3.83848 -11.16889 0.709 10.20927 ? 1   I6W A C13  1 
HETATM 23  C C15  A I6W A 1 1  ? -11.34194 -2.92589 -13.12553 0.291 8.46495  ? 1   I6W A C15  1 
HETATM 24  C C15  B I6W A 1 1  ? -12.66230 -3.09151 -11.41453 0.709 10.81275 ? 1   I6W A C15  1 
HETATM 25  C C16  A I6W A 1 1  ? -11.30331 -4.19585 -13.99193 0.291 8.76476  ? 1   I6W A C16  1 
HETATM 26  C C16  B I6W A 1 1  ? -12.52585 -2.23695 -12.69355 0.709 11.02074 ? 1   I6W A C16  1 
HETATM 27  C C18  A I6W A 1 1  ? -7.14386  -4.54884 -11.23629 0.291 7.37602  ? 1   I6W A C18  1 
HETATM 28  C C18  B I6W A 1 1  ? -8.04661  -4.65858 -10.61239 0.709 9.00882  ? 1   I6W A C18  1 
HETATM 29  C C19  A I6W A 1 1  ? -6.33115  -4.79850 -10.14466 0.291 6.94801  ? 1   I6W A C19  1 
HETATM 30  C C19  B I6W A 1 1  ? -7.02927  -4.81848 -9.68421  0.709 8.48515  ? 1   I6W A C19  1 
HETATM 31  N N07  A I6W A 1 1  ? -4.69134  -5.25899 -7.92690  0.291 5.49953  ? 1   I6W A N07  1 
HETATM 32  N N07  B I6W A 1 1  ? -4.98704  -5.05552 -7.76735  0.709 7.18508  ? 1   I6W A N07  1 
HETATM 33  O O01  A I6W A 1 1  ? -3.18350  -4.38833 -3.62594  0.291 4.99061  ? 1   I6W A O01  1 
HETATM 34  O O01  B I6W A 1 1  ? -3.22057  -4.42248 -3.46324  0.709 5.25236  ? 1   I6W A O01  1 
HETATM 35  O O14  A I6W A 1 1  ? -10.62091 -3.27529 -11.93741 0.291 8.10800  ? 1   I6W A O14  1 
HETATM 36  O O14  B I6W A 1 1  ? -11.43401 -3.02377 -10.67663 0.709 10.22070 ? 1   I6W A O14  1 
HETATM 37  O O17  A I6W A 1 1  ? -8.81954  -3.78617 -13.25904 0.291 8.66382  ? 1   I6W A O17  1 
HETATM 38  O O17  B I6W A 1 1  ? -10.43541 -4.38321 -12.21216 0.709 11.05524 ? 1   I6W A O17  1 
HETATM 39  H H051 A I6W A 1 1  ? -7.26592  -3.93591 -6.32433  0.291 6.48351  ? 1   I6W A H051 1 
HETATM 40  H H051 B I6W A 1 1  ? -7.37088  -3.83726 -5.81067  0.709 8.87120  ? 1   I6W A H051 1 
HETATM 41  H H041 A I6W A 1 1  ? -5.72860  -4.26474 -4.35456  0.291 6.18754  ? 1   I6W A H041 1 
HETATM 42  H H041 B I6W A 1 1  ? -5.57592  -4.08208 -4.06159  0.709 8.57517  ? 1   I6W A H041 1 
HETATM 43  H H061 A I6W A 1 1  ? -2.84678  -5.87166 -7.13617  0.291 6.01125  ? 1   I6W A H061 1 
HETATM 44  H H061 B I6W A 1 1  ? -3.05382  -5.62751 -7.20934  0.709 7.85403  ? 1   I6W A H061 1 
HETATM 45  H H111 A I6W A 1 1  ? -9.76807  -3.33288 -9.53509  0.291 8.22956  ? 1   I6W A H111 1 
HETATM 46  H H111 B I6W A 1 1  ? -10.24433 -3.14098 -8.58477  0.709 10.43525 ? 1   I6W A H111 1 
HETATM 47  H H152 A I6W A 1 1  ? -10.85937 -2.10153 -13.63586 0.291 10.15995 ? 1   I6W A H152 1 
HETATM 48  H H152 B I6W A 1 1  ? -12.86624 -4.11998 -11.68574 0.709 12.97731 ? 1   I6W A H152 1 
HETATM 49  H H151 A I6W A 1 1  ? -12.36385 -2.65846 -12.88661 0.291 10.15995 ? 1   I6W A H151 1 
HETATM 50  H H151 B I6W A 1 1  ? -13.47223 -2.70752 -10.80669 0.709 12.97731 ? 1   I6W A H151 1 
HETATM 51  H H162 A I6W A 1 1  ? -12.14939 -4.18146 -14.70410 0.291 10.51972 ? 1   I6W A H162 1 
HETATM 52  H H162 B I6W A 1 1  ? -13.49225 -2.22219 -13.23123 0.709 13.22689 ? 1   I6W A H162 1 
HETATM 53  H H163 A I6W A 1 1  ? -11.38275 -5.08731 -13.34214 0.291 10.51972 ? 1   I6W A H163 1 
HETATM 54  H H163 B I6W A 1 1  ? -11.74678 -2.67311 -13.34628 0.709 13.22689 ? 1   I6W A H163 1 
HETATM 55  H H161 A I6W A 1 1  ? -10.35006 -4.23071 -14.55168 0.291 10.51972 ? 1   I6W A H161 1 
HETATM 56  H H161 B I6W A 1 1  ? -12.24095 -1.20448 -12.41776 0.709 13.22689 ? 1   I6W A H161 1 
HETATM 57  H H181 A I6W A 1 1  ? -6.80914  -4.76295 -12.25130 0.291 8.85324  ? 1   I6W A H181 1 
HETATM 58  H H181 B I6W A 1 1  ? -7.93503  -5.02016 -11.63459 0.709 10.81259 ? 1   I6W A H181 1 
HETATM 59  H H191 A I6W A 1 1  ? -5.32876  -5.20017 -10.27734 0.291 8.33962  ? 1   I6W A H191 1 
HETATM 60  H H191 B I6W A 1 1  ? -6.08471  -5.27905 -9.96603  0.709 10.18418 ? 1   I6W A H191 1 
ATOM   61  N N    . LEU A 1 2  ? -1.99207  -5.81485 -4.83028  1.000 3.84549  ? 2   LEU A N    1 
ATOM   62  C CA   . LEU A 1 2  ? -0.97316  -5.83349 -3.80299  1.000 3.12259  ? 2   LEU A CA   1 
ATOM   63  C C    . LEU A 1 2  ? -0.42315  -4.42565 -3.55020  1.000 2.60938  ? 2   LEU A C    1 
ATOM   64  O O    . LEU A 1 2  ? -0.17985  -4.05637 -2.40533  1.000 2.84050  ? 2   LEU A O    1 
ATOM   65  C CB   . LEU A 1 2  ? 0.14782   -6.78968 -4.22058  1.000 3.36061  ? 2   LEU A CB   1 
ATOM   66  C CG   . LEU A 1 2  ? 1.33717   -6.84085 -3.25768  1.000 3.98828  ? 2   LEU A CG   1 
ATOM   67  C CD1  . LEU A 1 2  ? 0.94206   -7.28126 -1.85807  1.000 4.82072  ? 2   LEU A CD1  1 
ATOM   68  C CD2  . LEU A 1 2  ? 2.42355   -7.76440 -3.80572  1.000 4.83690  ? 2   LEU A CD2  1 
ATOM   69  H HA   . LEU A 1 2  ? -1.34872  -6.14846 -2.96594  1.000 3.74912  ? 2   LEU A HA   1 
ATOM   70  H HB2  . LEU A 1 2  ? -0.21886  -7.68569 -4.28077  1.000 4.03475  ? 2   LEU A HB2  1 
ATOM   71  H HB3  . LEU A 1 2  ? 0.48395   -6.50991 -5.08640  1.000 4.03475  ? 2   LEU A HB3  1 
ATOM   72  H HG   . LEU A 1 2  ? 1.68660   -5.93920 -3.18124  1.000 4.78795  ? 2   LEU A HG   1 
ATOM   73  H HD11 . LEU A 1 2  ? 1.73071   -7.28368 -1.29334  1.000 5.78688  ? 2   LEU A HD11 1 
ATOM   74  H HD12 . LEU A 1 2  ? 0.28474   -6.66109 -1.50563  1.000 5.78688  ? 2   LEU A HD12 1 
ATOM   75  H HD13 . LEU A 1 2  ? 0.56439   -8.17361 -1.90262  1.000 5.78688  ? 2   LEU A HD13 1 
ATOM   76  H HD21 . LEU A 1 2  ? 3.14185   -7.82685 -3.15683  1.000 5.80628  ? 2   LEU A HD21 1 
ATOM   77  H HD22 . LEU A 1 2  ? 2.04214   -8.64238 -3.96248  1.000 5.80628  ? 2   LEU A HD22 1 
ATOM   78  H HD23 . LEU A 1 2  ? 2.76045   -7.39675 -4.63772  1.000 5.80628  ? 2   LEU A HD23 1 
HETATM 79  N N    . AIB A 1 3  ? -0.20499  -3.65315 -4.62156  1.000 2.56023  ? 3   AIB A N    1 
HETATM 80  C CA   . AIB A 1 3  ? 0.43114   -2.35225 -4.47569  1.000 2.60698  ? 3   AIB A CA   1 
HETATM 81  C C    . AIB A 1 3  ? -0.31396  -1.51361 -3.42570  1.000 2.67352  ? 3   AIB A C    1 
HETATM 82  O O    . AIB A 1 3  ? 0.29500   -0.88333 -2.55943  1.000 3.04298  ? 3   AIB A O    1 
HETATM 83  C CB1  . AIB A 1 3  ? 1.89696   -2.52617 -4.05039  1.000 3.08370  ? 3   AIB A CB1  1 
HETATM 84  C CB2  . AIB A 1 3  ? 0.37512   -1.59293 -5.81018  1.000 3.05178  ? 3   AIB A CB2  1 
HETATM 85  H H    . AIB A 1 3  ? -0.12614  -3.98905 -5.56122  1.000 3.07429  ? 3   AIB A H    1 
HETATM 86  H HB11 . AIB A 1 3  ? 2.43421   -1.55252 -4.14444  1.000 3.70245  ? 3   AIB A HB11 1 
HETATM 87  H HB12 . AIB A 1 3  ? 1.94283   -2.87036 -2.98979  1.000 3.70245  ? 3   AIB A HB12 1 
HETATM 88  H HB13 . AIB A 1 3  ? 2.39129   -3.28343 -4.70433  1.000 3.70245  ? 3   AIB A HB13 1 
HETATM 89  H HB21 . AIB A 1 3  ? 0.75838   -0.55517 -5.65574  1.000 3.66414  ? 3   AIB A HB21 1 
HETATM 90  H HB22 . AIB A 1 3  ? 1.01024   -2.12482 -6.55944  1.000 3.66414  ? 3   AIB A HB22 1 
HETATM 91  H HB23 . AIB A 1 3  ? -0.68317  -1.55798 -6.16582  1.000 3.66414  ? 3   AIB A HB23 1 
ATOM   92  N N    . ALA A 1 4  ? -1.64354  -1.48861 -3.51041  1.000 3.00986  ? 4   ALA A N    1 
ATOM   93  C CA   . ALA A 1 4  ? -2.42087  -0.68863 -2.56422  1.000 3.43489  ? 4   ALA A CA   1 
ATOM   94  C C    . ALA A 1 4  ? -2.22493  -1.15564 -1.12310  1.000 3.15810  ? 4   ALA A C    1 
ATOM   95  O O    . ALA A 1 4  ? -2.23559  -0.35137 -0.18613  1.000 3.75552  ? 4   ALA A O    1 
ATOM   96  C CB   . ALA A 1 4  ? -3.91452  -0.76042 -2.91100  1.000 4.71415  ? 4   ALA A CB   1 
ATOM   97  H H    . ALA A 1 4  ? -2.10868  -1.91649 -4.09364  1.000 3.61384  ? 4   ALA A H    1 
ATOM   98  H HA   . ALA A 1 4  ? -2.11520  0.22950  -2.63132  1.000 4.12388  ? 4   ALA A HA   1 
ATOM   99  H HB1  . ALA A 1 4  ? -4.39095  -0.09101 -2.39543  1.000 5.65898  ? 4   ALA A HB1  1 
ATOM   100 H HB2  . ALA A 1 4  ? -4.02716  -0.58962 -3.85917  1.000 5.65898  ? 4   ALA A HB2  1 
ATOM   101 H HB3  . ALA A 1 4  ? -4.24731  -1.64494 -2.69241  1.000 5.65898  ? 4   ALA A HB3  1 
ATOM   102 N N    . HIS A 1 5  ? -2.08914  -2.47893 -0.94887  1.000 3.07339  ? 5   HIS A N    1 
ATOM   103 C CA   . HIS A 1 5  ? -1.88502  -3.03475 0.38430   1.000 3.14595  ? 5   HIS A CA   1 
ATOM   104 C C    . HIS A 1 5  ? -0.53846  -2.63165 0.98126   1.000 2.72539  ? 5   HIS A C    1 
ATOM   105 O O    . HIS A 1 5  ? -0.37690  -2.70033 2.20772   1.000 3.34249  ? 5   HIS A O    1 
ATOM   106 C CB   . HIS A 1 5  ? -2.01290  -4.56647 0.37608   1.000 3.64247  ? 5   HIS A CB   1 
ATOM   107 C CG   . HIS A 1 5  ? -3.41599  -5.06542 0.24442   1.000 4.74633  ? 5   HIS A CG   1 
ATOM   108 N ND1  . HIS A 1 5  ? -4.07997  -5.10775 -0.96017  1.000 5.57185  ? 5   HIS A ND1  1 
ATOM   109 C CD2  . HIS A 1 5  ? -4.26542  -5.58341 1.16414   1.000 6.25192  ? 5   HIS A CD2  1 
ATOM   110 C CE1  . HIS A 1 5  ? -5.28826  -5.60789 -0.76965  1.000 6.77189  ? 5   HIS A CE1  1 
ATOM   111 N NE2  . HIS A 1 5  ? -5.42524  -5.90797 0.50922   1.000 7.17550  ? 5   HIS A NE2  1 
ATOM   112 H H    . HIS A 1 5  ? -2.11191  -3.06257 -1.58011  1.000 3.69007  ? 5   HIS A H    1 
ATOM   113 H HA   . HIS A 1 5  ? -2.58801  -2.69220 0.95821   1.000 3.77715  ? 5   HIS A HA   1 
ATOM   114 H HB2  . HIS A 1 5  ? -1.50531  -4.91576 -0.37309  1.000 4.37297  ? 5   HIS A HB2  1 
ATOM   115 H HB3  . HIS A 1 5  ? -1.65519  -4.91175 1.20898   1.000 4.37297  ? 5   HIS A HB3  1 
ATOM   116 H HD1  . HIS A 1 5  ? -3.75996  -4.85010 -1.71570  1.000 6.68823  ? 5   HIS A HD1  1 
ATOM   117 H HD2  . HIS A 1 5  ? -4.09366  -5.69754 2.07100   1.000 7.50431  ? 5   HIS A HD2  1 
ATOM   118 H HE1  . HIS A 1 5  ? -5.93489  -5.72854 -1.42708  1.000 8.12828  ? 5   HIS A HE1  1 
ATOM   119 N N    . LEU A 1 6  ? 0.42613   -2.23003 0.14423   1.000 2.64141  ? 6   LEU A N    1 
ATOM   120 C CA   . LEU A 1 6  ? 1.68449   -1.68679 0.65181   1.000 2.74670  ? 6   LEU A CA   1 
ATOM   121 C C    . LEU A 1 6  ? 1.63524   -0.15246 0.76517   1.000 2.77289  ? 6   LEU A C    1 
ATOM   122 O O    . LEU A 1 6  ? 2.05823   0.41562  1.77989   1.000 3.27002  ? 6   LEU A O    1 
ATOM   123 C CB   . LEU A 1 6  ? 2.86102   -2.14192 -0.21794  1.000 3.14720  ? 6   LEU A CB   1 
ATOM   124 C CG   . LEU A 1 6  ? 3.00425   -3.66620 -0.33443  1.000 4.09103  ? 6   LEU A CG   1 
ATOM   125 C CD1  . LEU A 1 6  ? 4.19413   -4.00916 -1.22214  1.000 5.09379  ? 6   LEU A CD1  1 
ATOM   126 C CD2  . LEU A 1 6  ? 3.14057   -4.33663 1.03128   1.000 4.93832  ? 6   LEU A CD2  1 
ATOM   127 H H    . LEU A 1 6  ? 0.37311   -2.26301 -0.71350  1.000 3.17170  ? 6   LEU A H    1 
ATOM   128 H HA   . LEU A 1 6  ? 1.83658   -2.03044 1.54606   1.000 3.29805  ? 6   LEU A HA   1 
ATOM   129 H HB2  . LEU A 1 6  ? 2.73961   -1.78779 -1.11280  1.000 3.77865  ? 6   LEU A HB2  1 
ATOM   130 H HB3  . LEU A 1 6  ? 3.68196   -1.79703 0.16678   1.000 3.77865  ? 6   LEU A HB3  1 
ATOM   131 H HG   . LEU A 1 6  ? 2.19616   -4.01908 -0.73860  1.000 4.91124  ? 6   LEU A HG   1 
ATOM   132 H HD11 . LEU A 1 6  ? 4.26292   -4.97364 -1.29934  1.000 6.11455  ? 6   LEU A HD11 1 
ATOM   133 H HD12 . LEU A 1 6  ? 4.05807   -3.61605 -2.09841  1.000 6.11455  ? 6   LEU A HD12 1 
ATOM   134 H HD13 . LEU A 1 6  ? 5.00126   -3.65105 -0.82065  1.000 6.11455  ? 6   LEU A HD13 1 
ATOM   135 H HD21 . LEU A 1 6  ? 3.33436   -5.27835 0.90285   1.000 5.92799  ? 6   LEU A HD21 1 
ATOM   136 H HD22 . LEU A 1 6  ? 3.86394   -3.91369 1.51991   1.000 5.92799  ? 6   LEU A HD22 1 
ATOM   137 H HD23 . LEU A 1 6  ? 2.30794   -4.23366 1.51814   1.000 5.92799  ? 6   LEU A HD23 1 
HETATM 138 N N    . AIB A 1 7  ? 1.11939   0.49304  -0.28618  1.000 2.88485  ? 7   AIB A N    1 
HETATM 139 C CA   . AIB A 1 7  ? 1.07155   1.94507  -0.41259  1.000 2.94013  ? 7   AIB A CA   1 
HETATM 140 C C    . AIB A 1 7  ? 0.29679   2.59781  0.73875   1.000 2.51941  ? 7   AIB A C    1 
HETATM 141 O O    . AIB A 1 7  ? 0.51235   3.76717  1.07133   1.000 2.80651  ? 7   AIB A O    1 
HETATM 142 C CB1  . AIB A 1 7  ? 2.48663   2.54497  -0.48121  1.000 3.89686  ? 7   AIB A CB1  1 
HETATM 143 C CB2  . AIB A 1 7  ? 0.29238   2.29975  -1.69442  1.000 3.57246  ? 7   AIB A CB2  1 
HETATM 144 H H    . AIB A 1 7  ? 1.04851   0.08940  -1.19945  1.000 3.46383  ? 7   AIB A H    1 
HETATM 145 H HB11 . AIB A 1 7  ? 2.42388   3.65918  -0.47324  1.000 4.67824  ? 7   AIB A HB11 1 
HETATM 146 H HB12 . AIB A 1 7  ? 3.08301   2.20409  0.39833   1.000 4.67824  ? 7   AIB A HB12 1 
HETATM 147 H HB13 . AIB A 1 7  ? 2.99155   2.21193  -1.41907  1.000 4.67824  ? 7   AIB A HB13 1 
HETATM 148 H HB21 . AIB A 1 7  ? 0.31291   3.40714  -1.83913  1.000 4.28896  ? 7   AIB A HB21 1 
HETATM 149 H HB22 . AIB A 1 7  ? 0.77423   1.79381  -2.56594  1.000 4.28896  ? 7   AIB A HB22 1 
HETATM 150 H HB23 . AIB A 1 7  ? -0.76315  1.95008  -1.58820  1.000 4.28896  ? 7   AIB A HB23 1 
ATOM   151 N N    . GLN A 1 8  ? -0.62333  1.83862  1.35175   1.000 2.31868  ? 8   GLN A N    1 
ATOM   152 C CA   . GLN A 1 8  ? -1.40976  2.38337  2.45052   1.000 2.16058  ? 8   GLN A CA   1 
ATOM   153 C C    . GLN A 1 8  ? -0.52684  2.92159  3.58424   1.000 2.03582  ? 8   GLN A C    1 
ATOM   154 O O    . GLN A 1 8  ? -0.96963  3.80261  4.32760   1.000 2.25460  ? 8   GLN A O    1 
ATOM   155 C CB   . GLN A 1 8  ? -2.38605  1.34158  3.01255   1.000 2.20318  ? 8   GLN A CB   1 
ATOM   156 C CG   . GLN A 1 8  ? -1.69210  0.14197  3.66275   1.000 2.40295  ? 8   GLN A CG   1 
ATOM   157 C CD   . GLN A 1 8  ? -2.67626  -0.81001 4.31836   1.000 2.17277  ? 8   GLN A CD   1 
ATOM   158 O OE1  . GLN A 1 8  ? -3.56337  -0.39616 5.08487   1.000 2.49547  ? 8   GLN A OE1  1 
ATOM   159 N NE2  . GLN A 1 8  ? -2.51768  -2.10108 4.04203   1.000 2.77605  ? 8   GLN A NE2  1 
ATOM   160 H H    . GLN A 1 8  ? -0.80203  1.02228  1.14865   1.000 2.78442  ? 8   GLN A H    1 
ATOM   161 H HA   . GLN A 1 8  ? -1.92664  3.12377  2.09620   1.000 2.59470  ? 8   GLN A HA   1 
ATOM   162 H HB2  . GLN A 1 8  ? -2.94117  1.76468  3.68614   1.000 2.64582  ? 8   GLN A HB2  1 
ATOM   163 H HB3  . GLN A 1 8  ? -2.93886  1.00846  2.28844   1.000 2.64582  ? 8   GLN A HB3  1 
ATOM   164 H HG2  . GLN A 1 8  ? -1.20444  -0.34936 2.98327   1.000 2.88555  ? 8   GLN A HG2  1 
ATOM   165 H HG3  . GLN A 1 8  ? -1.08055  0.46038  4.34503   1.000 2.88555  ? 8   GLN A HG3  1 
ATOM   166 H HE21 . GLN A 1 8  ? -1.88448  -2.35402 3.51794   1.000 3.33327  ? 8   GLN A HE21 1 
ATOM   167 H HE22 . GLN A 1 8  ? -3.04832  -2.68307 4.38741   1.000 3.33327  ? 8   GLN A HE22 1 
HETATM 168 N N    . AIB A 1 9  ? 0.70333   2.40343  3.71945   1.000 2.04442  ? 9   AIB A N    1 
HETATM 169 C CA   . AIB A 1 9  ? 1.66279   2.90524  4.70417   1.000 2.15791  ? 9   AIB A CA   1 
HETATM 170 C C    . AIB A 1 9  ? 1.85471   4.43327  4.59226   1.000 2.27475  ? 9   AIB A C    1 
HETATM 171 O O    . AIB A 1 9  ? 2.21805   5.10505  5.55872   1.000 2.86936  ? 9   AIB A O    1 
HETATM 172 C CB1  . AIB A 1 9  ? 1.21665   2.56226  6.13214   1.000 2.57732  ? 9   AIB A CB1  1 
HETATM 173 C CB2  . AIB A 1 9  ? 3.02086   2.26504  4.40236   1.000 2.55859  ? 9   AIB A CB2  1 
HETATM 174 H H    . AIB A 1 9  ? 0.95176   1.47248  3.44813   1.000 2.45532  ? 9   AIB A H    1 
HETATM 175 H HB11 . AIB A 1 9  ? 1.99266   2.89903  6.86004   1.000 3.09480  ? 9   AIB A HB11 1 
HETATM 176 H HB12 . AIB A 1 9  ? 0.25231   3.07619  6.35885   1.000 3.09480  ? 9   AIB A HB12 1 
HETATM 177 H HB13 . AIB A 1 9  ? 1.07674   1.45922  6.22805   1.000 3.09480  ? 9   AIB A HB13 1 
HETATM 178 H HB21 . AIB A 1 9  ? 3.78076   2.66867  5.11464   1.000 3.07232  ? 9   AIB A HB21 1 
HETATM 179 H HB22 . AIB A 1 9  ? 2.93715   1.15779  4.52349   1.000 3.07232  ? 9   AIB A HB22 1 
HETATM 180 H HB23 . AIB A 1 9  ? 3.31510   2.51120  3.35330   1.000 3.07232  ? 9   AIB A HB23 1 
ATOM   181 N N    . LEU A 1 10 ? 1.66323   4.94971  3.37002   1.000 2.38959  ? 10  LEU A N    1 
ATOM   182 C CA   . LEU A 1 10 ? 1.83883   6.36223  3.06468   1.000 2.76721  ? 10  LEU A CA   1 
ATOM   183 C C    . LEU A 1 10 ? 0.52702   7.10303  2.87082   1.000 3.73974  ? 10  LEU A C    1 
ATOM   184 O O    . LEU A 1 10 ? 0.46531   8.30531  2.67396   1.000 5.00108  ? 10  LEU A O    1 
ATOM   185 C CB   . LEU A 1 10 ? 2.68986   6.51766  1.80459   1.000 3.17281  ? 10  LEU A CB   1 
ATOM   186 C CG   . LEU A 1 10 ? 4.06267   5.84078  1.87177   1.000 3.70348  ? 10  LEU A CG   1 
ATOM   187 C CD1  . LEU A 1 10 ? 4.82391   6.04700  0.56708   1.000 4.52020  ? 10  LEU A CD1  1 
ATOM   188 C CD2  . LEU A 1 10 ? 4.87761   6.35734  3.04476   1.000 4.56548  ? 10  LEU A CD2  1 
ATOM   189 H H    . LEU A 1 10 ? 1.42501   4.48428  2.68722   1.000 2.86952  ? 10  LEU A H    1 
ATOM   190 H HA   . LEU A 1 10 ? 2.28549   6.77175  3.82210   1.000 3.32266  ? 10  LEU A HA   1 
ATOM   191 H HB2  . LEU A 1 10 ? 2.20786   6.12869  1.05809   1.000 3.80938  ? 10  LEU A HB2  1 
ATOM   192 H HB3  . LEU A 1 10 ? 2.83715   7.46349  1.64774   1.000 3.80938  ? 10  LEU A HB3  1 
ATOM   193 H HG   . LEU A 1 10 ? 3.92772   4.88932  2.00369   1.000 4.44619  ? 10  LEU A HG   1 
ATOM   194 H HD11 . LEU A 1 10 ? 5.70327   5.64560  0.64769   1.000 5.42625  ? 10  LEU A HD11 1 
ATOM   195 H HD12 . LEU A 1 10 ? 4.33271   5.62519  -0.15521  1.000 5.42625  ? 10  LEU A HD12 1 
ATOM   196 H HD13 . LEU A 1 10 ? 4.90881   6.99837  0.39797   1.000 5.42625  ? 10  LEU A HD13 1 
ATOM   197 H HD21 . LEU A 1 10 ? 5.74728   5.92778  3.03863   1.000 5.48058  ? 10  LEU A HD21 1 
ATOM   198 H HD22 . LEU A 1 10 ? 4.98244   7.31774  2.95790   1.000 5.48058  ? 10  LEU A HD22 1 
ATOM   199 H HD23 . LEU A 1 10 ? 4.41144   6.14872  3.86941   1.000 5.48058  ? 10  LEU A HD23 1 
HETATM 200 C C11  A I77 A 1 11 ? -4.59550  7.74808  2.09370   0.361 4.15387  ? 11  I77 A C11  1 
HETATM 201 C C11  B I77 A 1 11 ? -4.31970  7.84916  1.78220   0.639 3.97728  ? 11  I77 A C11  1 
HETATM 202 C C12  A I77 A 1 11 ? -4.14661  7.91582  3.40577   0.361 3.89695  ? 11  I77 A C12  1 
HETATM 203 C C12  B I77 A 1 11 ? -3.89678  7.90642  3.11069   0.639 3.46468  ? 11  I77 A C12  1 
HETATM 204 C C13  A I77 A 1 11 ? -2.74868  7.44831  3.82287   0.361 3.90996  ? 11  I77 A C13  1 
HETATM 205 C C13  B I77 A 1 11 ? -2.50565  7.50565  3.54372   0.639 3.89378  ? 11  I77 A C13  1 
HETATM 206 C C17  A I77 A 1 11 ? -4.99277  8.49076  4.34894   0.361 3.90642  ? 11  I77 A C17  1 
HETATM 207 C C17  B I77 A 1 11 ? -4.74753  8.36595  4.09891   0.639 3.23551  ? 11  I77 A C17  1 
HETATM 208 C C18  A I77 A 1 11 ? -6.24537  8.88653  3.93344   0.361 3.51631  ? 11  I77 A C18  1 
HETATM 209 C C18  B I77 A 1 11 ? -6.02127  8.74564  3.72337   0.639 3.20220  ? 11  I77 A C18  1 
HETATM 210 C C02  A I77 A 1 11 ? -11.85079 10.36217 0.98609   0.361 2.72838  ? 11  I77 A C02  1 
HETATM 211 C C02  B I77 A 1 11 ? -11.65651 10.24709 0.83496   0.639 2.79943  ? 11  I77 A C02  1 
HETATM 212 C C03  A I77 A 1 11 ? -10.44060 9.94906  1.42221   0.361 2.33204  ? 11  I77 A C03  1 
HETATM 213 C C03  B I77 A 1 11 ? -10.23179 9.85902  1.24324   0.639 3.16492  ? 11  I77 A C03  1 
HETATM 214 C C04  A I77 A 1 11 ? -9.64154  9.33510  0.47802   0.361 2.87237  ? 11  I77 A C04  1 
HETATM 215 C C04  B I77 A 1 11 ? -9.41619  9.29466  0.28077   0.639 3.70774  ? 11  I77 A C04  1 
HETATM 216 C C05  A I77 A 1 11 ? -8.38418  8.93351  0.87665   0.361 3.06285  ? 11  I77 A C05  1 
HETATM 217 C C05  B I77 A 1 11 ? -8.14800  8.90584  0.65873   0.639 3.61210  ? 11  I77 A C05  1 
HETATM 218 C C06  A I77 A 1 11 ? -9.99438  10.13296 2.72203   0.361 2.99153  ? 11  I77 A C06  1 
HETATM 219 C C06  B I77 A 1 11 ? -9.75258  9.99603  2.54913   0.639 3.38299  ? 11  I77 A C06  1 
HETATM 220 C C08  A I77 A 1 11 ? -7.98855  9.15620  2.18437   0.361 3.01322  ? 11  I77 A C08  1 
HETATM 221 C C08  B I77 A 1 11 ? -7.75213  9.08085  1.96967   0.639 2.91640  ? 11  I77 A C08  1 
HETATM 222 C C09  A I77 A 1 11 ? -6.61268  8.70791  2.61159   0.361 3.19675  ? 11  I77 A C09  1 
HETATM 223 C C09  B I77 A 1 11 ? -6.37771  8.65434  2.38198   0.639 3.09035  ? 11  I77 A C09  1 
HETATM 224 N N01  A I77 A 1 11 ? -12.66390 11.11004 1.91633   0.361 3.93781  ? 11  I77 A N01  1 
HETATM 225 N N01  B I77 A 1 11 ? -12.50634 10.76402 1.86472   0.639 2.72055  ? 11  I77 A N01  1 
HETATM 226 N N07  A I77 A 1 11 ? -8.77942  9.73969  3.06873   0.361 3.10384  ? 11  I77 A N07  1 
HETATM 227 N N07  B I77 A 1 11 ? -8.52080  9.61687  2.88735   0.639 3.36419  ? 11  I77 A N07  1 
HETATM 228 N N10  A I77 A 1 11 ? -5.80406  8.14646  1.73401   0.361 3.91130  ? 11  I77 A N10  1 
HETATM 229 N N10  B I77 A 1 11 ? -5.54557  8.22286  1.44763   0.639 3.95007  ? 11  I77 A N10  1 
HETATM 230 N N14  A I77 A 1 11 ? -1.91601  6.87151  2.78097   0.361 2.94425  ? 11  I77 A N14  1 
HETATM 231 N N14  B I77 A 1 11 ? -1.82483  6.68037  2.58271   0.639 4.29963  ? 11  I77 A N14  1 
HETATM 232 N N15  A I77 A 1 11 ? -0.66150  6.39172  3.15704   0.361 2.72627  ? 11  I77 A N15  1 
HETATM 233 N N15  B I77 A 1 11 ? -0.56132  6.20419  2.89557   0.639 3.89900  ? 11  I77 A N15  1 
HETATM 234 O O16  A I77 A 1 11 ? -2.34035  7.54880  4.93554   0.361 4.78633  ? 11  I77 A O16  1 
HETATM 235 O O16  B I77 A 1 11 ? -2.02720  7.86779  4.57395   0.639 5.12013  ? 11  I77 A O16  1 
HETATM 236 O O19  A I77 A 1 11 ? -12.26543 10.05470 -0.08462  0.361 3.16006  ? 11  I77 A O19  1 
HETATM 237 O O19  B I77 A 1 11 ? -12.03276 10.09677 -0.28758  0.639 3.47755  ? 11  I77 A O19  1 
HETATM 238 H H111 A I77 A 1 11 ? -3.94769  7.28742  1.36404   0.361 4.98665  ? 11  I77 A H111 1 
HETATM 239 H H111 B I77 A 1 11 ? -3.64173  7.49712  1.02018   0.639 4.77474  ? 11  I77 A H111 1 
HETATM 240 H H171 A I77 A 1 11 ? -4.67493  8.62375  5.38307   0.361 4.68971  ? 11  I77 A H171 1 
HETATM 241 H H171 B I77 A 1 11 ? -4.42430  8.42648  5.13812   0.639 3.88462  ? 11  I77 A H171 1 
HETATM 242 H H181 A I77 A 1 11 ? -6.94047  9.33613  4.63943   0.361 4.22158  ? 11  I77 A H181 1 
HETATM 243 H H181 B I77 A 1 11 ? -6.73217  9.10914  4.46244   0.639 3.84465  ? 11  I77 A H181 1 
HETATM 244 H H041 A I77 A 1 11 ? -9.98588  9.17672  -0.52688  0.361 3.44886  ? 11  I77 A H041 1 
HETATM 245 H H041 B I77 A 1 11 ? -9.75883  9.16316  -0.72858  0.639 4.45130  ? 11  I77 A H041 1 
HETATM 246 H H051 A I77 A 1 11 ? -7.71469  8.45012  0.17592   0.361 3.67743  ? 11  I77 A H051 1 
HETATM 247 H H051 B I77 A 1 11 ? -7.47061  8.46840  -0.06424  0.639 4.33653  ? 11  I77 A H051 1 
HETATM 248 H H061 A I77 A 1 11 ? -10.64013 10.59838 3.45344   0.361 3.59184  ? 11  I77 A H061 1 
HETATM 249 H H061 B I77 A 1 11 ? -10.39844 10.42087 3.30474   0.639 4.06160  ? 11  I77 A H061 1 
HETATM 250 H H011 A I77 A 1 11 ? -13.58311 11.38144 1.65031   0.361 4.72738  ? 11  I77 A H011 1 
HETATM 251 H H011 B I77 A 1 11 ? -13.44459 11.02443 1.64719   0.639 3.26666  ? 11  I77 A H011 1 
HETATM 252 H H012 A I77 A 1 11 ? -12.30387 11.36340 2.81991   0.361 4.72738  ? 11  I77 A H012 1 
HETATM 253 H H012 B I77 A 1 11 ? -12.16249 10.87394 2.80144   0.639 3.26666  ? 11  I77 A H012 1 
HETATM 254 H H141 A I77 A 1 11 ? -2.23135  6.82021  1.82705   0.361 3.53511  ? 11  I77 A H141 1 
HETATM 255 H H141 B I77 A 1 11 ? -2.25600  6.45349  1.70256   0.639 5.16157  ? 11  I77 A H141 1 
HETATM 256 N N    . CCN B 2 .  ? 2.07956   4.34622  -4.10779  1.000 6.94962  ? 201 CCN A N    1 
HETATM 257 C C1   . CCN B 2 .  ? 2.22902   3.41121  -4.71960  1.000 6.14138  ? 201 CCN A C1   1 
HETATM 258 C C2   . CCN B 2 .  ? 2.46427   2.16442  -5.52963  1.000 6.35876  ? 201 CCN A C2   1 
HETATM 259 H H21  . CCN B 2 .  ? 2.87741   1.39245  -4.89224  1.000 7.63252  ? 201 CCN A H21  1 
HETATM 260 H H22  . CCN B 2 .  ? 3.15927   2.38072  -6.33156  1.000 7.63252  ? 201 CCN A H22  1 
HETATM 261 H H23  . CCN B 2 .  ? 1.52538   1.82313  -5.94782  1.000 7.63252  ? 201 CCN A H23  1 
HETATM 262 N N    . CCN C 2 .  ? 0.37666   -1.20002 6.26609   1.000 5.60130  ? 202 CCN A N    1 
HETATM 263 C C1   . CCN C 2 .  ? 1.11310   -1.52928 5.47963   1.000 4.16724  ? 202 CCN A C1   1 
HETATM 264 C C2   . CCN C 2 .  ? 2.06617   -1.96285 4.40893   1.000 3.99947  ? 202 CCN A C2   1 
HETATM 265 H H21  . CCN C 2 .  ? 2.15868   -1.17790 3.66852   1.000 4.80138  ? 202 CCN A H21  1 
HETATM 266 H H22  . CCN C 2 .  ? 3.03617   -2.16128 4.84781   1.000 4.80138  ? 202 CCN A H22  1 
HETATM 267 H H23  . CCN C 2 .  ? 1.69286   -2.86288 3.93619   1.000 4.80138  ? 202 CCN A H23  1 
HETATM 268 N N    . CCN D 2 .  ? -7.87272  -6.09825 -2.72179  1.000 24.37917 ? 203 CCN A N    1 
HETATM 269 C C1   . CCN D 2 .  ? -8.91427  -5.83961 -3.08273  1.000 24.40990 ? 203 CCN A C1   1 
HETATM 270 C C2   . CCN D 2 .  ? -10.31800 -5.48989 -3.56732  1.000 24.50055 ? 203 CCN A C2   1 
HETATM 271 H H21  . CCN D 2 .  ? -11.04834 -5.87717 -2.86769  1.000 29.40267 ? 203 CCN A H21  1 
HETATM 272 H H22  . CCN D 2 .  ? -10.48339 -5.93051 -4.54272  1.000 29.40267 ? 203 CCN A H22  1 
HETATM 273 H H23  . CCN D 2 .  ? -10.41868 -4.41374 -3.63555  1.000 29.40267 ? 203 CCN A H23  1 
HETATM 274 N N    . CCN E 2 .  ? -5.39480  -2.24600 0.02544   1.000 26.97949 ? 204 CCN A N    1 
HETATM 275 C C1   . CCN E 2 .  ? -5.73347  -2.56425 1.05744   1.000 26.99062 ? 204 CCN A C1   1 
HETATM 276 C C2   . CCN E 2 .  ? -6.19206  -2.99939 2.44524   1.000 27.03834 ? 204 CCN A C2   1 
HETATM 277 H H21  . CCN E 2 .  ? -5.95960  -2.22195 3.16248   1.000 32.44802 ? 204 CCN A H21  1 
HETATM 278 H H22  . CCN E 2 .  ? -5.68118  -3.91260 2.72439   1.000 32.44802 ? 204 CCN A H22  1 
HETATM 279 H H23  . CCN E 2 .  ? -7.26106  -3.17261 2.43435   1.000 32.44802 ? 204 CCN A H23  1 
HETATM 280 O O    . HOH F 3 .  ? -3.10960  9.02644  6.88998   1.000 46.86092 ? 301 HOH A O    1 
HETATM 281 O O    . HOH F 3 .  ? -12.14983 11.53681 4.80149   1.000 25.25198 ? 302 HOH A O    1 
HETATM 282 O O    . HOH F 3 .  ? -7.35394  -6.94397 2.58125   1.000 9.89287  ? 303 HOH A O    1 
HETATM 283 O O    . HOH F 3 .  ? -4.28483  4.04494  1.50997   1.000 29.88415 ? 304 HOH A O    1 
# 
loop_
_atom_site_anisotrop.id 
_atom_site_anisotrop.type_symbol 
_atom_site_anisotrop.pdbx_label_atom_id 
_atom_site_anisotrop.pdbx_label_alt_id 
_atom_site_anisotrop.pdbx_label_comp_id 
_atom_site_anisotrop.pdbx_label_asym_id 
_atom_site_anisotrop.pdbx_label_seq_id 
_atom_site_anisotrop.pdbx_PDB_ins_code 
_atom_site_anisotrop.U[1][1] 
_atom_site_anisotrop.U[2][2] 
_atom_site_anisotrop.U[3][3] 
_atom_site_anisotrop.U[1][2] 
_atom_site_anisotrop.U[1][3] 
_atom_site_anisotrop.U[2][3] 
_atom_site_anisotrop.pdbx_auth_seq_id 
_atom_site_anisotrop.pdbx_auth_comp_id 
_atom_site_anisotrop.pdbx_auth_asym_id 
_atom_site_anisotrop.pdbx_auth_atom_id 
1   C C05 A I6W A 1  ? 0.06626 0.03687 0.10210 0.00142  -0.02905 0.00291  1   I6W A C05 
2   C C05 B I6W A 1  ? 0.07827 0.07265 0.12990 -0.02705 -0.05039 0.03095  1   I6W A C05 
3   C C08 A I6W A 1  ? 0.06888 0.04015 0.10781 0.00072  -0.02956 0.00787  1   I6W A C08 
4   C C08 B I6W A 1  ? 0.08259 0.06666 0.12612 -0.02821 -0.05198 0.03587  1   I6W A C08 
5   C C09 A I6W A 1  ? 0.06942 0.05431 0.11781 -0.00515 -0.03267 0.01456  1   I6W A C09 
6   C C09 B I6W A 1  ? 0.08749 0.07090 0.13557 -0.02935 -0.05645 0.04034  1   I6W A C09 
7   N N10 A I6W A 1  ? 0.07033 0.05880 0.11785 -0.00765 -0.03402 0.02068  1   I6W A N10 
8   N N10 B I6W A 1  ? 0.09079 0.07296 0.15504 -0.02769 -0.06035 0.04435  1   I6W A N10 
9   C C02 A I6W A 1  ? 0.06146 0.04308 0.07219 0.00253  -0.02339 -0.00240 1   I6W A C02 
10  C C02 B I6W A 1  ? 0.05070 0.05684 0.06382 -0.02599 -0.02514 0.02806  1   I6W A C02 
11  C C03 A I6W A 1  ? 0.06472 0.03045 0.08484 0.00252  -0.02776 -0.00174 1   I6W A C03 
12  C C03 B I6W A 1  ? 0.06814 0.06652 0.09181 -0.02970 -0.03982 0.03588  1   I6W A C03 
13  C C04 A I6W A 1  ? 0.06600 0.03483 0.09502 0.00255  -0.02983 -0.00226 1   I6W A C04 
14  C C04 B I6W A 1  ? 0.07509 0.07633 0.12002 -0.02616 -0.04891 0.03024  1   I6W A C04 
15  C C06 A I6W A 1  ? 0.06664 0.03432 0.08930 0.00416  -0.02871 0.00054  1   I6W A C06 
16  C C06 B I6W A 1  ? 0.07872 0.07162 0.09827 -0.03265 -0.04633 0.04005  1   I6W A C06 
17  C C11 A I6W A 1  ? 0.07426 0.06416 0.12209 -0.00708 -0.03547 0.02161  1   I6W A C11 
18  C C11 B I6W A 1  ? 0.09599 0.07450 0.15985 -0.02896 -0.06287 0.04332  1   I6W A C11 
19  C C12 A I6W A 1  ? 0.07824 0.07490 0.13075 -0.00347 -0.03465 0.01957  1   I6W A C12 
20  C C12 B I6W A 1  ? 0.10111 0.08205 0.16593 -0.03127 -0.06810 0.04724  1   I6W A C12 
21  C C13 A I6W A 1  ? 0.08375 0.08639 0.13834 -0.00158 -0.03635 0.01769  1   I6W A C13 
22  C C13 B I6W A 1  ? 0.10742 0.09570 0.18478 -0.02683 -0.07484 0.03414  1   I6W A C13 
23  C C15 A I6W A 1  ? 0.08618 0.09312 0.14232 -0.00636 -0.04278 0.01369  1   I6W A C15 
24  C C15 B I6W A 1  ? 0.11816 0.10401 0.18865 -0.01943 -0.08319 0.02970  1   I6W A C15 
25  C C16 A I6W A 1  ? 0.08883 0.09950 0.14469 -0.00517 -0.04324 0.01360  1   I6W A C16 
26  C C16 B I6W A 1  ? 0.12383 0.10954 0.18536 -0.01380 -0.08561 0.02802  1   I6W A C16 
27  C C18 A I6W A 1  ? 0.07577 0.07518 0.12931 -0.00372 -0.03381 0.01729  1   I6W A C18 
28  C C18 B I6W A 1  ? 0.09933 0.09252 0.15044 -0.03041 -0.06481 0.04799  1   I6W A C18 
29  C C19 A I6W A 1  ? 0.07202 0.06729 0.12468 -0.00508 -0.03207 0.01770  1   I6W A C19 
30  C C19 B I6W A 1  ? 0.09353 0.08705 0.14182 -0.03214 -0.06083 0.04460  1   I6W A C19 
31  N N07 A I6W A 1  ? 0.06957 0.04040 0.09899 0.00508  -0.02827 0.00388  1   I6W A N07 
32  N N07 B I6W A 1  ? 0.08261 0.07904 0.11135 -0.02986 -0.05091 0.04071  1   I6W A N07 
33  O O01 A I6W A 1  ? 0.06041 0.05480 0.07440 0.01333  -0.01366 0.00175  1   I6W A O01 
34  O O01 B I6W A 1  ? 0.04641 0.08807 0.06509 -0.01101 -0.01046 0.02639  1   I6W A O01 
35  O O14 A I6W A 1  ? 0.08330 0.08647 0.13829 -0.00589 -0.04164 0.01579  1   I6W A O14 
36  O O14 B I6W A 1  ? 0.11226 0.08968 0.18640 -0.02512 -0.07793 0.02811  1   I6W A O14 
37  O O17 A I6W A 1  ? 0.08850 0.09724 0.14345 0.00214  -0.03408 0.01928  1   I6W A O17 
38  O O17 B I6W A 1  ? 0.11134 0.11919 0.18952 -0.01910 -0.07422 0.03342  1   I6W A O17 
61  N N   . LEU A 2  ? 0.05543 0.04635 0.04433 -0.00960 -0.02107 0.00785  2   LEU A N   
62  C CA  . LEU A 2  ? 0.05192 0.04214 0.02458 -0.00427 -0.00991 0.00335  2   LEU A CA  
63  C C   . LEU A 2  ? 0.04099 0.03988 0.01827 0.00004  -0.00696 -0.00014 2   LEU A C   
64  O O   . LEU A 2  ? 0.04453 0.04731 0.01608 0.00668  -0.00804 -0.00156 2   LEU A O   
65  C CB  . LEU A 2  ? 0.05666 0.04477 0.02625 0.00008  -0.00344 -0.00412 2   LEU A CB  
66  C CG  . LEU A 2  ? 0.05774 0.05093 0.04286 0.00855  0.00004  -0.00646 2   LEU A CG  
67  C CD1 . LEU A 2  ? 0.06574 0.07389 0.04354 0.02134  -0.00328 0.00844  2   LEU A CD1 
68  C CD2 . LEU A 2  ? 0.05854 0.05946 0.06579 0.00992  0.00635  -0.00982 2   LEU A CD2 
79  N N   . AIB A 3  ? 0.04078 0.04154 0.01495 -0.00346 -0.00979 -0.00104 3   AIB A N   
80  C CA  . AIB A 3  ? 0.04016 0.04304 0.01585 -0.00536 -0.00966 -0.00245 3   AIB A CA  
81  C C   . AIB A 3  ? 0.04123 0.04277 0.01758 -0.00336 -0.01236 -0.00251 3   AIB A C   
82  O O   . AIB A 3  ? 0.04251 0.04822 0.02489 -0.00275 -0.01066 -0.01010 3   AIB A O   
83  C CB1 . AIB A 3  ? 0.03942 0.05499 0.02275 -0.00347 -0.00773 -0.00912 3   AIB A CB1 
84  C CB2 . AIB A 3  ? 0.05237 0.04385 0.01973 -0.01124 -0.01161 0.00017  3   AIB A CB2 
92  N N   . ALA A 4  ? 0.04239 0.04615 0.02584 0.00225  -0.01566 -0.00223 4   ALA A N   
93  C CA  . ALA A 4  ? 0.04223 0.05108 0.03721 0.00957  -0.01260 -0.00325 4   ALA A CA  
94  C C   . ALA A 4  ? 0.03443 0.05162 0.03393 0.00529  -0.00647 -0.00665 4   ALA A C   
95  O O   . ALA A 4  ? 0.04678 0.05535 0.04056 0.00775  -0.00616 -0.01267 4   ALA A O   
96  C CB  . ALA A 4  ? 0.04388 0.08082 0.05441 0.01786  -0.01664 -0.00331 4   ALA A CB  
102 N N   . HIS A 5  ? 0.03531 0.05035 0.03112 0.00267  -0.00409 -0.00466 5   HIS A N   
103 C CA  . HIS A 5  ? 0.03607 0.05447 0.02899 -0.00133 -0.00117 -0.00247 5   HIS A CA  
104 C C   . HIS A 5  ? 0.03785 0.04217 0.02354 0.00222  0.00060  -0.00470 5   HIS A C   
105 O O   . HIS A 5  ? 0.04889 0.05704 0.02107 -0.00166 -0.00103 -0.00678 5   HIS A O   
106 C CB  . HIS A 5  ? 0.04756 0.05980 0.03103 -0.00650 -0.00635 0.00207  5   HIS A CB  
107 C CG  . HIS A 5  ? 0.05726 0.07059 0.05248 -0.01088 -0.00998 0.00605  5   HIS A CG  
108 N ND1 . HIS A 5  ? 0.06725 0.07382 0.07064 -0.01304 -0.02413 0.00034  5   HIS A ND1 
109 C CD2 . HIS A 5  ? 0.05823 0.09860 0.08071 -0.01436 -0.00462 0.02092  5   HIS A CD2 
110 C CE1 . HIS A 5  ? 0.06538 0.08821 0.10371 -0.01543 -0.02144 0.00595  5   HIS A CE1 
111 N NE2 . HIS A 5  ? 0.05816 0.10511 0.10938 -0.01894 -0.00946 0.01917  5   HIS A NE2 
119 N N   . LEU A 6  ? 0.03381 0.04991 0.01663 0.00275  -0.00403 -0.00212 6   LEU A N   
120 C CA  . LEU A 6  ? 0.03391 0.05202 0.01844 0.00518  -0.01002 -0.00198 6   LEU A CA  
121 C C   . LEU A 6  ? 0.03524 0.05095 0.01917 0.00172  -0.00801 -0.00717 6   LEU A C   
122 O O   . LEU A 6  ? 0.04268 0.05796 0.02360 0.00187  -0.01328 -0.00804 6   LEU A O   
123 C CB  . LEU A 6  ? 0.03238 0.06204 0.02516 0.00688  -0.00762 -0.00341 6   LEU A CB  
124 C CG  . LEU A 6  ? 0.04497 0.06449 0.04598 0.01715  -0.00218 -0.00208 6   LEU A CG  
125 C CD1 . LEU A 6  ? 0.05205 0.08461 0.05688 0.02525  -0.00022 -0.00247 6   LEU A CD1 
126 C CD2 . LEU A 6  ? 0.05997 0.07311 0.05456 0.02107  0.00011  0.01076  6   LEU A CD2 
138 N N   . AIB A 7  ? 0.04311 0.04719 0.01930 -0.00481 -0.00940 -0.00597 7   AIB A N   
139 C CA  . AIB A 7  ? 0.04626 0.04725 0.01821 -0.00854 -0.00561 -0.00249 7   AIB A CA  
140 C C   . AIB A 7  ? 0.04219 0.03755 0.01598 -0.00368 -0.01108 0.00076  7   AIB A C   
141 O O   . AIB A 7  ? 0.04827 0.03669 0.02167 -0.00482 -0.01024 0.00526  7   AIB A O   
142 C CB1 . AIB A 7  ? 0.04613 0.06332 0.03861 -0.01083 0.00188  -0.00807 7   AIB A CB1 
143 C CB2 . AIB A 7  ? 0.06507 0.04989 0.02079 -0.00403 -0.01255 0.00295  7   AIB A CB2 
151 N N   . GLN A 8  ? 0.03775 0.03495 0.01540 -0.00415 -0.01078 -0.00013 8   GLN A N   
152 C CA  . GLN A 8  ? 0.03325 0.03229 0.01655 -0.00212 -0.01207 0.00238  8   GLN A CA  
153 C C   . GLN A 8  ? 0.03135 0.02830 0.01770 -0.00314 -0.00969 0.00360  8   GLN A C   
154 O O   . GLN A 8  ? 0.03292 0.03000 0.02274 -0.00259 -0.00783 0.00007  8   GLN A O   
155 C CB  . GLN A 8  ? 0.03053 0.03362 0.01956 -0.00292 -0.01305 -0.00017 8   GLN A CB  
156 C CG  . GLN A 8  ? 0.03215 0.03004 0.02911 -0.00274 -0.00796 0.00305  8   GLN A CG  
157 C CD  . GLN A 8  ? 0.03336 0.03045 0.01875 -0.00291 -0.00860 -0.00048 8   GLN A CD  
158 O OE1 . GLN A 8  ? 0.03446 0.03744 0.02292 0.00029  -0.00729 -0.00283 8   GLN A OE1 
159 N NE2 . GLN A 8  ? 0.04388 0.03287 0.02873 -0.00286 0.00396  -0.00181 8   GLN A NE2 
168 N N   . AIB A 9  ? 0.02956 0.03030 0.01781 -0.00232 -0.01105 0.00067  9   AIB A N   
169 C CA  . AIB A 9  ? 0.03084 0.03086 0.02029 -0.00076 -0.01279 0.00123  9   AIB A CA  
170 C C   . AIB A 9  ? 0.02856 0.03258 0.02529 -0.00249 -0.00850 -0.00203 9   AIB A C   
171 O O   . AIB A 9  ? 0.04133 0.03966 0.02802 -0.00367 -0.01270 -0.00461 9   AIB A O   
172 C CB1 . AIB A 9  ? 0.03672 0.04135 0.01986 -0.00114 -0.01147 0.00185  9   AIB A CB1 
173 C CB2 . AIB A 9  ? 0.03146 0.03665 0.02910 0.00265  -0.01274 -0.00050 9   AIB A CB2 
181 N N   . LEU A 10 ? 0.03176 0.02988 0.02915 -0.00476 -0.01315 0.00338  10  LEU A N   
182 C CA  . LEU A 10 ? 0.03093 0.03067 0.04354 -0.00437 -0.01078 0.00717  10  LEU A CA  
183 C C   . LEU A 10 ? 0.03252 0.03733 0.07224 -0.00135 -0.01134 0.01956  10  LEU A C   
184 O O   . LEU A 10 ? 0.03920 0.04808 0.10274 0.00193  -0.00278 0.03017  10  LEU A O   
185 C CB  . LEU A 10 ? 0.03989 0.03875 0.04192 -0.00502 -0.00885 0.00937  10  LEU A CB  
186 C CG  . LEU A 10 ? 0.04603 0.04552 0.04917 -0.00140 -0.00453 0.00153  10  LEU A CG  
187 C CD1 . LEU A 10 ? 0.05923 0.05941 0.05309 0.00491  0.00142  0.00346  10  LEU A CD1 
188 C CD2 . LEU A 10 ? 0.03787 0.07849 0.05710 -0.00123 -0.00701 -0.00421 10  LEU A CD2 
200 C C11 A I77 A 11 ? 0.02685 0.07165 0.05934 -0.00123 -0.00531 0.00507  11  I77 A C11 
201 C C11 B I77 A 11 ? 0.02749 0.06489 0.05874 0.00374  -0.01326 0.00043  11  I77 A C11 
202 C C12 A I77 A 11 ? 0.02948 0.05850 0.06007 -0.00123 -0.00846 0.01277  11  I77 A C12 
203 C C12 B I77 A 11 ? 0.02462 0.04417 0.06285 0.00351  -0.01509 -0.00372 11  I77 A C12 
204 C C13 A I77 A 11 ? 0.02979 0.04953 0.06924 0.00280  -0.00969 0.01243  11  I77 A C13 
205 C C13 B I77 A 11 ? 0.02800 0.05158 0.06837 0.00124  -0.02038 -0.00511 11  I77 A C13 
206 C C17 A I77 A 11 ? 0.03126 0.05907 0.05810 0.00226  -0.00745 0.00747  11  I77 A C17 
207 C C17 B I77 A 11 ? 0.02443 0.04233 0.05618 0.00465  -0.01507 0.00219  11  I77 A C17 
208 C C18 A I77 A 11 ? 0.02895 0.05471 0.04994 0.00326  -0.00869 0.00172  11  I77 A C18 
209 C C18 B I77 A 11 ? 0.02443 0.04307 0.05417 0.00469  -0.01498 0.00512  11  I77 A C18 
210 C C02 A I77 A 11 ? 0.02235 0.04215 0.03916 0.00100  -0.00293 0.00813  11  I77 A C02 
211 C C02 B I77 A 11 ? 0.02365 0.04278 0.03993 0.00530  -0.01457 0.00654  11  I77 A C02 
212 C C03 A I77 A 11 ? 0.01496 0.03401 0.03963 0.00289  0.00061  0.00279  11  I77 A C03 
213 C C03 B I77 A 11 ? 0.02467 0.04921 0.04638 0.00122  -0.01546 0.01102  11  I77 A C03 
214 C C04 A I77 A 11 ? 0.01820 0.04734 0.04360 0.00743  -0.00185 -0.00119 11  I77 A C04 
215 C C04 B I77 A 11 ? 0.02515 0.06332 0.05241 0.00466  -0.01499 0.00468  11  I77 A C04 
216 C C05 A I77 A 11 ? 0.02092 0.05070 0.04475 0.00689  -0.00246 -0.00219 11  I77 A C05 
217 C C05 B I77 A 11 ? 0.02426 0.05693 0.05604 0.00739  -0.01320 0.00514  11  I77 A C05 
218 C C06 A I77 A 11 ? 0.02195 0.04752 0.04420 0.00606  -0.00570 0.00252  11  I77 A C06 
219 C C06 B I77 A 11 ? 0.02474 0.05526 0.04854 0.00394  -0.01472 0.00751  11  I77 A C06 
220 C C08 A I77 A 11 ? 0.02140 0.04877 0.04432 0.00221  -0.00579 0.00043  11  I77 A C08 
221 C C08 B I77 A 11 ? 0.01947 0.04043 0.05091 0.00052  -0.01268 0.00791  11  I77 A C08 
222 C C09 A I77 A 11 ? 0.02273 0.05203 0.04671 -0.00148 -0.00560 0.00273  11  I77 A C09 
223 C C09 B I77 A 11 ? 0.02094 0.04187 0.05462 0.00217  -0.01373 0.00579  11  I77 A C09 
224 N N01 A I77 A 11 ? 0.04055 0.05315 0.05591 0.01120  -0.00997 0.00542  11  I77 A N01 
225 N N01 B I77 A 11 ? 0.02618 0.03797 0.03922 0.01167  -0.01379 0.00217  11  I77 A N01 
226 N N07 A I77 A 11 ? 0.02469 0.05148 0.04178 0.00564  -0.00580 0.00106  11  I77 A N07 
227 N N07 B I77 A 11 ? 0.02482 0.05334 0.04966 0.00398  -0.01660 0.00717  11  I77 A N07 
228 N N10 A I77 A 11 ? 0.02354 0.07095 0.05412 -0.00095 -0.00399 0.00446  11  I77 A N10 
229 N N10 B I77 A 11 ? 0.02821 0.06467 0.05721 0.00393  -0.01285 0.00465  11  I77 A N10 
230 N N14 A I77 A 11 ? 0.02641 0.02521 0.06026 0.00199  -0.00901 0.01486  11  I77 A N14 
231 N N14 B I77 A 11 ? 0.03281 0.06194 0.06862 0.00544  -0.01876 0.00942  11  I77 A N14 
232 N N15 A I77 A 11 ? 0.02377 0.01914 0.06069 -0.00198 -0.00840 0.01116  11  I77 A N15 
233 N N15 B I77 A 11 ? 0.02828 0.05470 0.06516 -0.00164 -0.01653 0.01018  11  I77 A N15 
234 O O16 A I77 A 11 ? 0.03356 0.07039 0.07792 0.00432  -0.00869 0.01535  11  I77 A O16 
235 O O16 B I77 A 11 ? 0.03675 0.07481 0.08298 0.00676  -0.02555 -0.01217 11  I77 A O16 
236 O O19 A I77 A 11 ? 0.01870 0.06082 0.04055 -0.00167 -0.00246 0.01060  11  I77 A O19 
237 O O19 B I77 A 11 ? 0.02794 0.06758 0.03662 0.00721  -0.01208 0.00722  11  I77 A O19 
256 N N   . CCN B .  ? 0.10031 0.06909 0.09464 0.00245  0.02914  0.00478  201 CCN A N   
257 C C1  . CCN B .  ? 0.08902 0.06224 0.08209 0.00088  0.03144  0.00447  201 CCN A C1  
258 C C2  . CCN B .  ? 0.08465 0.06768 0.08927 0.00384  0.02181  -0.01221 201 CCN A C2  
262 N N   . CCN C .  ? 0.07953 0.06478 0.06850 0.02124  -0.00819 0.00248  202 CCN A N   
263 C C1  . CCN C .  ? 0.06838 0.04851 0.04145 0.00834  -0.01748 0.00765  202 CCN A C1  
264 C C2  . CCN C .  ? 0.06561 0.05627 0.03008 -0.00081 -0.02144 0.00682  202 CCN A C2  
268 N N   . CCN D .  ? 0.23469 0.46361 0.22800 -0.04955 -0.05253 -0.12446 203 CCN A N   
269 C C1  . CCN D .  ? 0.23440 0.46374 0.22933 -0.04963 -0.05213 -0.12570 203 CCN A C1  
270 C C2  . CCN D .  ? 0.23401 0.46635 0.23054 -0.04945 -0.05185 -0.12657 203 CCN A C2  
274 N N   . CCN E .  ? 0.22906 0.55000 0.24604 0.03538  0.02500  0.18213  204 CCN A N   
275 C C1  . CCN E .  ? 0.22904 0.55065 0.24583 0.03557  0.02467  0.18201  204 CCN A C1  
276 C C2  . CCN E .  ? 0.22965 0.55189 0.24578 0.03596  0.02377  0.18216  204 CCN A C2  
280 O O   . HOH F .  ? 0.55670 0.42573 0.79808 -0.08365 -0.06296 -0.02741 301 HOH A O   
281 O O   . HOH F .  ? 0.19780 0.47080 0.29087 0.10775  -0.06951 -0.20178 302 HOH A O   
282 O O   . HOH F .  ? 0.10058 0.19866 0.07665 0.06865  0.02391  0.04055  303 HOH A O   
283 O O   . HOH F .  ? 0.43100 0.32473 0.37974 0.15142  -0.19402 -0.03714 304 HOH A O   
# 
